data_2R9Z
#
_entry.id   2R9Z
#
_cell.length_a   71.933
_cell.length_b   71.933
_cell.length_c   223.854
_cell.angle_alpha   90.00
_cell.angle_beta   90.00
_cell.angle_gamma   90.00
#
_symmetry.space_group_name_H-M   'P 41'
#
loop_
_entity.id
_entity.type
_entity.pdbx_description
1 polymer 'Glutathione amide reductase'
2 non-polymer 'FLAVIN-ADENINE DINUCLEOTIDE'
3 non-polymer 'CHLORIDE ION'
4 non-polymer 'NICKEL (II) ION'
5 water water
#
_entity_poly.entity_id   1
_entity_poly.type   'polypeptide(L)'
_entity_poly.pdbx_seq_one_letter_code
;MTQHFDLIAIGGGSGGLAVAEKAAAFGKRVALIESKALGGTCVNVGCVPKKVMWYASHLAEAVRDAPGFGVQASGGTLDW
PRLVAGRDRYIGAINSFWDGYVERLGITRVDGHARFVDAHTIEVEGQRLSADHIVIATGGRPIVPRLPGAELGITSDGFF
ALQQQPKRVAIIGAGYIGIELAGLLRSFGSEVTVVALEDRLLFQFDPLLSATLAENMHAQGIETHLEFAVAALERDAQGT
TLVAQDGTRLEGFDSVIWAVGRAPNTRDLGLEAAGIEVQSNGMVPTDAYQNTNVPGVYALGDITGRDQLTPVAIAAGRRL
AERLFDGQSERKLDYDNIPTVVFAHPPLSKVGLSEPEARERLGDVLTVYETSFTPMRYALNEHGPKTAMKLVCAGPEQRV
VGVHVIGDGADEMLQGFAVAVKMGATKADFDNTVAIHPGSAEELVTLKEPVRRPGDPLPEGAA
;
_entity_poly.pdbx_strand_id   A,B
#
# COMPACT_ATOMS: atom_id res chain seq x y z
N THR A 2 -17.36 -7.11 -43.67
CA THR A 2 -17.16 -8.58 -43.70
C THR A 2 -15.75 -8.89 -44.21
N GLN A 3 -15.04 -7.83 -44.59
CA GLN A 3 -13.66 -7.90 -45.06
C GLN A 3 -13.03 -6.50 -45.01
N HIS A 4 -13.84 -5.51 -44.63
CA HIS A 4 -13.39 -4.14 -44.58
C HIS A 4 -13.01 -3.75 -43.15
N PHE A 5 -12.91 -4.75 -42.26
CA PHE A 5 -12.47 -4.49 -40.89
C PHE A 5 -10.99 -4.22 -40.93
N ASP A 6 -10.59 -3.19 -40.20
CA ASP A 6 -9.19 -2.99 -39.88
C ASP A 6 -8.73 -4.08 -38.93
N LEU A 7 -9.59 -4.40 -37.96
CA LEU A 7 -9.23 -5.33 -36.88
C LEU A 7 -10.30 -6.34 -36.55
N ILE A 8 -9.88 -7.60 -36.44
CA ILE A 8 -10.63 -8.59 -35.71
C ILE A 8 -9.90 -8.98 -34.42
N ALA A 9 -10.55 -8.77 -33.28
CA ALA A 9 -10.04 -9.32 -32.03
C ALA A 9 -10.81 -10.57 -31.71
N ILE A 10 -10.08 -11.69 -31.66
CA ILE A 10 -10.69 -12.97 -31.25
C ILE A 10 -10.60 -13.14 -29.74
N GLY A 11 -11.73 -13.07 -29.05
CA GLY A 11 -11.73 -13.15 -27.60
C GLY A 11 -12.00 -11.79 -27.02
N GLY A 12 -13.03 -11.70 -26.18
CA GLY A 12 -13.42 -10.45 -25.52
C GLY A 12 -13.04 -10.44 -24.04
N GLY A 13 -11.83 -10.91 -23.75
CA GLY A 13 -11.30 -10.92 -22.41
C GLY A 13 -10.44 -9.70 -22.25
N SER A 14 -9.54 -9.76 -21.28
CA SER A 14 -8.60 -8.66 -21.00
C SER A 14 -7.86 -8.12 -22.21
N GLY A 15 -7.20 -9.00 -22.95
CA GLY A 15 -6.45 -8.58 -24.16
C GLY A 15 -7.27 -8.07 -25.35
N GLY A 16 -8.26 -8.85 -25.75
CA GLY A 16 -9.14 -8.50 -26.86
C GLY A 16 -9.87 -7.18 -26.69
N LEU A 17 -10.47 -7.00 -25.51
CA LEU A 17 -11.13 -5.76 -25.12
C LEU A 17 -10.17 -4.57 -25.20
N ALA A 18 -8.94 -4.74 -24.69
CA ALA A 18 -7.93 -3.66 -24.71
C ALA A 18 -7.52 -3.23 -26.12
N VAL A 19 -7.19 -4.20 -26.97
CA VAL A 19 -6.87 -3.90 -28.36
C VAL A 19 -8.09 -3.33 -29.14
N ALA A 20 -9.26 -3.95 -28.97
CA ALA A 20 -10.47 -3.49 -29.67
C ALA A 20 -10.81 -2.06 -29.27
N GLU A 21 -10.83 -1.82 -27.96
CA GLU A 21 -11.13 -0.48 -27.42
C GLU A 21 -10.18 0.61 -27.93
N LYS A 22 -8.86 0.35 -27.85
CA LYS A 22 -7.86 1.32 -28.29
C LYS A 22 -7.90 1.50 -29.82
N ALA A 23 -8.04 0.41 -30.58
CA ALA A 23 -8.22 0.54 -32.04
C ALA A 23 -9.49 1.30 -32.39
N ALA A 24 -10.59 1.01 -31.71
CA ALA A 24 -11.83 1.76 -31.99
C ALA A 24 -11.65 3.23 -31.65
N ALA A 25 -10.87 3.52 -30.62
CA ALA A 25 -10.58 4.92 -30.24
C ALA A 25 -9.70 5.68 -31.26
N PHE A 26 -8.86 4.95 -32.01
CA PHE A 26 -8.12 5.55 -33.11
C PHE A 26 -8.95 5.64 -34.37
N GLY A 27 -10.27 5.50 -34.26
CA GLY A 27 -11.17 5.61 -35.43
C GLY A 27 -11.17 4.44 -36.39
N LYS A 28 -10.74 3.28 -35.90
CA LYS A 28 -10.66 2.09 -36.76
C LYS A 28 -11.96 1.31 -36.73
N ARG A 29 -12.16 0.49 -37.77
CA ARG A 29 -13.31 -0.39 -37.86
C ARG A 29 -12.94 -1.74 -37.29
N VAL A 30 -13.64 -2.11 -36.22
CA VAL A 30 -13.25 -3.23 -35.37
C VAL A 30 -14.37 -4.26 -35.21
N ALA A 31 -14.03 -5.52 -35.40
CA ALA A 31 -14.91 -6.65 -35.04
C ALA A 31 -14.33 -7.37 -33.81
N LEU A 32 -15.19 -7.69 -32.85
CA LEU A 32 -14.78 -8.43 -31.65
C LEU A 32 -15.55 -9.74 -31.59
N ILE A 33 -14.84 -10.86 -31.54
CA ILE A 33 -15.49 -12.15 -31.45
C ILE A 33 -15.42 -12.66 -30.03
N GLU A 34 -16.54 -13.12 -29.50
CA GLU A 34 -16.61 -13.68 -28.14
C GLU A 34 -17.65 -14.80 -28.06
N SER A 35 -17.21 -15.97 -27.61
CA SER A 35 -18.07 -17.15 -27.51
C SER A 35 -18.89 -17.20 -26.21
N LYS A 36 -18.41 -16.52 -25.17
CA LYS A 36 -19.07 -16.52 -23.85
C LYS A 36 -19.41 -15.09 -23.40
N ALA A 37 -18.74 -14.60 -22.36
CA ALA A 37 -19.05 -13.28 -21.79
C ALA A 37 -17.89 -12.29 -21.89
N LEU A 38 -18.23 -11.03 -22.18
CA LEU A 38 -17.20 -9.99 -22.20
C LEU A 38 -16.59 -9.89 -20.82
N GLY A 39 -15.30 -9.58 -20.78
CA GLY A 39 -14.58 -9.46 -19.52
C GLY A 39 -13.66 -10.65 -19.33
N GLY A 40 -13.93 -11.73 -20.07
CA GLY A 40 -13.09 -12.92 -20.06
C GLY A 40 -13.00 -13.55 -18.69
N THR A 41 -11.90 -14.25 -18.47
CA THR A 41 -11.66 -14.94 -17.22
C THR A 41 -11.60 -13.98 -16.02
N CYS A 42 -10.97 -12.83 -16.22
CA CYS A 42 -10.67 -11.97 -15.10
C CYS A 42 -11.94 -11.47 -14.40
N VAL A 43 -12.84 -10.90 -15.19
CA VAL A 43 -14.13 -10.36 -14.73
C VAL A 43 -15.07 -11.44 -14.20
N ASN A 44 -15.18 -12.56 -14.92
CA ASN A 44 -16.19 -13.58 -14.66
C ASN A 44 -15.80 -14.68 -13.68
N VAL A 45 -14.58 -15.20 -13.82
CA VAL A 45 -14.17 -16.34 -13.01
C VAL A 45 -12.73 -16.20 -12.48
N GLY A 46 -12.23 -14.98 -12.34
CA GLY A 46 -10.79 -14.73 -12.09
C GLY A 46 -10.54 -13.69 -11.03
N CYS A 47 -9.74 -12.69 -11.39
CA CYS A 47 -9.34 -11.57 -10.50
C CYS A 47 -10.48 -11.01 -9.66
N VAL A 48 -11.58 -10.67 -10.32
CA VAL A 48 -12.66 -9.92 -9.67
C VAL A 48 -13.41 -10.76 -8.64
N PRO A 49 -14.00 -11.91 -9.04
CA PRO A 49 -14.65 -12.68 -7.97
C PRO A 49 -13.67 -13.07 -6.85
N LYS A 50 -12.45 -13.44 -7.22
CA LYS A 50 -11.46 -13.77 -6.22
C LYS A 50 -11.25 -12.64 -5.21
N LYS A 51 -11.04 -11.41 -5.70
CA LYS A 51 -10.76 -10.27 -4.83
C LYS A 51 -11.99 -9.92 -3.99
N VAL A 52 -13.19 -10.05 -4.56
CA VAL A 52 -14.39 -9.83 -3.78
C VAL A 52 -14.40 -10.79 -2.59
N MET A 53 -14.23 -12.08 -2.86
CA MET A 53 -14.18 -13.07 -1.80
C MET A 53 -13.03 -12.83 -0.83
N TRP A 54 -11.89 -12.35 -1.35
CA TRP A 54 -10.76 -11.98 -0.51
C TRP A 54 -11.10 -10.88 0.50
N TYR A 55 -11.85 -9.86 0.07
CA TYR A 55 -12.37 -8.87 1.01
C TYR A 55 -13.20 -9.49 2.15
N ALA A 56 -14.15 -10.36 1.81
CA ALA A 56 -14.92 -11.10 2.84
C ALA A 56 -13.98 -11.79 3.84
N SER A 57 -12.97 -12.49 3.32
CA SER A 57 -11.98 -13.20 4.15
C SER A 57 -11.17 -12.26 5.06
N HIS A 58 -10.83 -11.09 4.50
CA HIS A 58 -10.10 -10.00 5.17
C HIS A 58 -10.98 -9.42 6.27
N LEU A 59 -12.28 -9.31 6.01
CA LEU A 59 -13.20 -8.80 7.03
C LEU A 59 -13.45 -9.83 8.13
N ALA A 60 -13.50 -11.11 7.77
CA ALA A 60 -13.62 -12.19 8.78
C ALA A 60 -12.43 -12.17 9.76
N GLU A 61 -11.23 -11.93 9.23
CA GLU A 61 -10.04 -11.80 10.05
C GLU A 61 -10.08 -10.55 10.95
N ALA A 62 -10.43 -9.41 10.36
CA ALA A 62 -10.69 -8.19 11.10
C ALA A 62 -11.65 -8.39 12.27
N VAL A 63 -12.75 -9.13 12.08
CA VAL A 63 -13.65 -9.42 13.20
C VAL A 63 -13.05 -10.36 14.25
N ARG A 64 -12.24 -11.33 13.81
CA ARG A 64 -11.45 -12.17 14.71
C ARG A 64 -10.55 -11.34 15.64
N ASP A 65 -9.98 -10.27 15.08
CA ASP A 65 -8.89 -9.52 15.69
C ASP A 65 -9.40 -8.32 16.48
N ALA A 66 -10.64 -7.93 16.19
CA ALA A 66 -11.25 -6.75 16.78
C ALA A 66 -11.24 -6.65 18.34
N PRO A 67 -11.63 -7.74 19.04
CA PRO A 67 -11.68 -7.70 20.51
C PRO A 67 -10.33 -7.45 21.17
N GLY A 68 -9.25 -7.90 20.55
CA GLY A 68 -7.91 -7.62 21.04
C GLY A 68 -7.66 -6.13 21.11
N PHE A 69 -8.22 -5.37 20.17
CA PHE A 69 -8.15 -3.90 20.19
C PHE A 69 -9.27 -3.20 20.98
N GLY A 70 -10.08 -3.98 21.71
CA GLY A 70 -11.17 -3.41 22.49
C GLY A 70 -12.47 -3.24 21.72
N VAL A 71 -12.52 -3.74 20.49
CA VAL A 71 -13.72 -3.59 19.67
C VAL A 71 -14.54 -4.90 19.70
N GLN A 72 -15.75 -4.87 20.29
CA GLN A 72 -16.63 -6.07 20.31
C GLN A 72 -17.00 -6.55 18.91
N ALA A 73 -17.08 -7.87 18.71
CA ALA A 73 -17.45 -8.44 17.42
C ALA A 73 -18.08 -9.84 17.49
N SER A 74 -18.78 -10.24 16.41
CA SER A 74 -19.37 -11.61 16.20
C SER A 74 -20.10 -12.17 17.41
N LEU A 78 -19.85 -16.89 8.25
CA LEU A 78 -20.03 -16.62 6.81
C LEU A 78 -21.33 -17.17 6.27
N ASP A 79 -22.15 -16.25 5.75
CA ASP A 79 -23.31 -16.57 4.94
C ASP A 79 -22.80 -16.58 3.50
N TRP A 80 -22.42 -17.76 3.05
CA TRP A 80 -21.80 -17.95 1.73
C TRP A 80 -22.77 -17.62 0.59
N PRO A 81 -24.05 -18.08 0.67
CA PRO A 81 -25.00 -17.58 -0.34
C PRO A 81 -25.01 -16.06 -0.45
N ARG A 82 -24.93 -15.34 0.67
CA ARG A 82 -24.96 -13.88 0.61
C ARG A 82 -23.69 -13.33 -0.07
N LEU A 83 -22.53 -13.85 0.30
CA LEU A 83 -21.30 -13.50 -0.40
C LEU A 83 -21.47 -13.76 -1.91
N VAL A 84 -21.90 -14.98 -2.26
CA VAL A 84 -22.06 -15.35 -3.69
C VAL A 84 -22.96 -14.36 -4.42
N ALA A 85 -24.12 -14.04 -3.84
CA ALA A 85 -25.09 -13.09 -4.39
C ALA A 85 -24.52 -11.68 -4.60
N GLY A 86 -23.87 -11.13 -3.58
CA GLY A 86 -23.24 -9.81 -3.72
C GLY A 86 -22.10 -9.83 -4.74
N ARG A 87 -21.22 -10.81 -4.66
CA ARG A 87 -20.16 -10.99 -5.65
C ARG A 87 -20.67 -11.02 -7.12
N ASP A 88 -21.73 -11.80 -7.39
CA ASP A 88 -22.26 -12.03 -8.73
C ASP A 88 -22.88 -10.76 -9.30
N ARG A 89 -23.56 -10.02 -8.42
CA ARG A 89 -24.17 -8.75 -8.78
C ARG A 89 -23.09 -7.74 -9.14
N TYR A 90 -22.02 -7.70 -8.35
CA TYR A 90 -20.88 -6.84 -8.65
C TYR A 90 -20.25 -7.21 -9.99
N ILE A 91 -20.00 -8.51 -10.21
CA ILE A 91 -19.43 -9.01 -11.47
C ILE A 91 -20.37 -8.68 -12.62
N GLY A 92 -21.67 -8.88 -12.39
CA GLY A 92 -22.70 -8.62 -13.39
C GLY A 92 -22.56 -7.21 -13.93
N ALA A 93 -22.40 -6.23 -13.03
CA ALA A 93 -22.36 -4.83 -13.43
C ALA A 93 -21.16 -4.52 -14.29
N ILE A 94 -20.02 -5.16 -14.01
CA ILE A 94 -18.84 -5.04 -14.87
C ILE A 94 -19.08 -5.63 -16.25
N ASN A 95 -19.67 -6.82 -16.30
CA ASN A 95 -20.13 -7.39 -17.56
C ASN A 95 -21.01 -6.42 -18.34
N SER A 96 -21.99 -5.85 -17.64
CA SER A 96 -22.95 -4.98 -18.30
C SER A 96 -22.26 -3.74 -18.82
N PHE A 97 -21.35 -3.18 -18.02
CA PHE A 97 -20.55 -2.06 -18.46
C PHE A 97 -19.85 -2.36 -19.80
N TRP A 98 -19.18 -3.49 -19.88
CA TRP A 98 -18.39 -3.82 -21.08
C TRP A 98 -19.30 -4.10 -22.25
N ASP A 99 -20.44 -4.74 -22.00
CA ASP A 99 -21.40 -4.93 -23.11
C ASP A 99 -21.85 -3.59 -23.72
N GLY A 100 -22.18 -2.62 -22.88
CA GLY A 100 -22.64 -1.30 -23.37
C GLY A 100 -21.50 -0.48 -23.98
N TYR A 101 -20.30 -0.63 -23.40
CA TYR A 101 -19.15 0.11 -23.85
C TYR A 101 -18.72 -0.36 -25.23
N VAL A 102 -18.70 -1.68 -25.43
CA VAL A 102 -18.38 -2.23 -26.74
C VAL A 102 -19.35 -1.66 -27.83
N GLU A 103 -20.63 -1.57 -27.48
CA GLU A 103 -21.64 -0.96 -28.34
C GLU A 103 -21.39 0.56 -28.54
N ARG A 104 -21.06 1.24 -27.44
CA ARG A 104 -20.77 2.67 -27.43
C ARG A 104 -19.61 3.02 -28.38
N LEU A 105 -18.57 2.18 -28.37
CA LEU A 105 -17.38 2.33 -29.23
C LEU A 105 -17.59 2.03 -30.72
N GLY A 106 -18.73 1.46 -31.07
CA GLY A 106 -19.05 1.18 -32.47
C GLY A 106 -18.42 -0.13 -32.96
N ILE A 107 -18.01 -0.98 -32.02
CA ILE A 107 -17.32 -2.20 -32.35
C ILE A 107 -18.37 -3.20 -32.82
N THR A 108 -18.06 -3.97 -33.85
CA THR A 108 -18.99 -5.00 -34.30
C THR A 108 -18.78 -6.27 -33.46
N ARG A 109 -19.76 -6.56 -32.60
CA ARG A 109 -19.69 -7.75 -31.78
C ARG A 109 -20.21 -8.98 -32.52
N VAL A 110 -19.42 -10.04 -32.52
CA VAL A 110 -19.82 -11.33 -33.11
C VAL A 110 -19.83 -12.40 -32.02
N ASP A 111 -20.99 -12.99 -31.78
CA ASP A 111 -21.13 -14.01 -30.75
C ASP A 111 -20.80 -15.39 -31.33
N GLY A 112 -19.98 -16.16 -30.61
CA GLY A 112 -19.63 -17.49 -31.08
C GLY A 112 -18.13 -17.73 -31.14
N HIS A 113 -17.79 -18.98 -31.46
CA HIS A 113 -16.41 -19.47 -31.50
C HIS A 113 -15.76 -19.25 -32.88
N ALA A 114 -14.73 -18.40 -32.93
CA ALA A 114 -13.97 -18.15 -34.16
C ALA A 114 -12.95 -19.26 -34.46
N ARG A 115 -12.76 -19.53 -35.75
CA ARG A 115 -11.66 -20.36 -36.24
C ARG A 115 -11.12 -19.66 -37.47
N PHE A 116 -9.80 -19.68 -37.65
CA PHE A 116 -9.21 -19.23 -38.90
C PHE A 116 -9.61 -20.20 -39.99
N VAL A 117 -9.78 -19.64 -41.18
CA VAL A 117 -10.01 -20.43 -42.38
C VAL A 117 -8.83 -20.23 -43.32
N ASP A 118 -8.27 -19.02 -43.31
CA ASP A 118 -6.97 -18.76 -43.94
C ASP A 118 -6.20 -17.69 -43.17
N ALA A 119 -5.03 -17.29 -43.69
CA ALA A 119 -4.19 -16.27 -43.02
C ALA A 119 -4.92 -15.01 -42.55
N HIS A 120 -5.97 -14.61 -43.27
CA HIS A 120 -6.69 -13.38 -42.94
C HIS A 120 -8.21 -13.53 -42.85
N THR A 121 -8.69 -14.75 -42.58
CA THR A 121 -10.13 -15.01 -42.53
C THR A 121 -10.47 -15.94 -41.40
N ILE A 122 -11.47 -15.54 -40.65
CA ILE A 122 -12.04 -16.39 -39.62
C ILE A 122 -13.45 -16.77 -40.05
N GLU A 123 -13.97 -17.83 -39.43
CA GLU A 123 -15.36 -18.21 -39.62
C GLU A 123 -15.95 -18.41 -38.25
N VAL A 124 -17.10 -17.78 -38.01
CA VAL A 124 -17.81 -17.92 -36.73
C VAL A 124 -19.21 -18.36 -37.06
N GLU A 125 -19.58 -19.56 -36.62
CA GLU A 125 -20.85 -20.20 -37.00
C GLU A 125 -21.27 -19.98 -38.47
N GLY A 126 -20.40 -20.38 -39.40
CA GLY A 126 -20.71 -20.30 -40.81
C GLY A 126 -20.42 -18.99 -41.53
N GLN A 127 -20.32 -17.89 -40.77
CA GLN A 127 -20.04 -16.57 -41.32
C GLN A 127 -18.54 -16.30 -41.38
N ARG A 128 -18.05 -15.91 -42.56
CA ARG A 128 -16.66 -15.56 -42.73
C ARG A 128 -16.45 -14.06 -42.58
N LEU A 129 -15.33 -13.70 -41.98
CA LEU A 129 -14.94 -12.30 -41.79
C LEU A 129 -13.43 -12.18 -41.95
N SER A 130 -13.01 -11.17 -42.69
CA SER A 130 -11.63 -10.91 -42.90
C SER A 130 -11.34 -9.52 -42.34
N ALA A 131 -10.06 -9.29 -42.06
CA ALA A 131 -9.56 -7.98 -41.62
C ALA A 131 -8.10 -7.87 -42.00
N ASP A 132 -7.60 -6.63 -42.06
CA ASP A 132 -6.17 -6.39 -42.20
C ASP A 132 -5.38 -6.98 -41.05
N HIS A 133 -5.97 -6.92 -39.86
CA HIS A 133 -5.29 -7.33 -38.64
C HIS A 133 -6.19 -8.23 -37.84
N ILE A 134 -5.67 -9.40 -37.48
CA ILE A 134 -6.40 -10.32 -36.63
C ILE A 134 -5.59 -10.58 -35.37
N VAL A 135 -6.16 -10.19 -34.22
CA VAL A 135 -5.51 -10.39 -32.92
C VAL A 135 -6.15 -11.55 -32.17
N ILE A 136 -5.34 -12.52 -31.79
CA ILE A 136 -5.84 -13.71 -31.11
C ILE A 136 -5.65 -13.46 -29.62
N ALA A 137 -6.74 -13.40 -28.86
CA ALA A 137 -6.64 -13.26 -27.42
C ALA A 137 -7.65 -14.18 -26.75
N THR A 138 -7.49 -15.47 -26.99
CA THR A 138 -8.50 -16.48 -26.63
C THR A 138 -8.37 -17.04 -25.19
N GLY A 139 -7.35 -16.56 -24.48
CA GLY A 139 -7.13 -16.91 -23.07
C GLY A 139 -6.92 -18.39 -22.82
N GLY A 140 -7.21 -18.82 -21.59
CA GLY A 140 -6.99 -20.18 -21.18
C GLY A 140 -8.14 -20.77 -20.39
N ARG A 141 -7.89 -21.94 -19.84
CA ARG A 141 -8.87 -22.67 -19.07
C ARG A 141 -8.08 -23.49 -18.04
N PRO A 142 -8.70 -23.84 -16.90
CA PRO A 142 -8.05 -24.70 -15.91
C PRO A 142 -7.68 -26.09 -16.46
N ILE A 143 -6.50 -26.58 -16.10
CA ILE A 143 -6.06 -27.93 -16.43
C ILE A 143 -6.71 -28.91 -15.45
N VAL A 144 -7.28 -30.00 -15.99
CA VAL A 144 -7.65 -31.17 -15.17
C VAL A 144 -6.78 -32.32 -15.66
N PRO A 145 -5.85 -32.81 -14.81
CA PRO A 145 -5.00 -33.92 -15.20
C PRO A 145 -5.79 -35.09 -15.72
N ARG A 146 -5.15 -35.84 -16.61
CA ARG A 146 -5.71 -37.07 -17.16
C ARG A 146 -5.30 -38.22 -16.23
N LEU A 147 -6.03 -38.33 -15.11
CA LEU A 147 -5.75 -39.29 -14.06
C LEU A 147 -7.04 -39.95 -13.64
N PRO A 148 -6.97 -41.20 -13.16
CA PRO A 148 -8.19 -41.90 -12.71
C PRO A 148 -8.96 -41.06 -11.69
N GLY A 149 -10.26 -40.92 -11.90
CA GLY A 149 -11.11 -40.16 -10.99
C GLY A 149 -10.89 -38.65 -10.94
N ALA A 150 -10.13 -38.11 -11.90
CA ALA A 150 -9.85 -36.66 -11.93
C ALA A 150 -11.14 -35.85 -12.00
N GLU A 151 -12.18 -36.43 -12.60
CA GLU A 151 -13.49 -35.78 -12.74
C GLU A 151 -14.23 -35.61 -11.41
N LEU A 152 -13.72 -36.25 -10.36
CA LEU A 152 -14.25 -36.07 -9.01
C LEU A 152 -13.91 -34.69 -8.45
N GLY A 153 -12.82 -34.10 -8.94
CA GLY A 153 -12.45 -32.75 -8.55
C GLY A 153 -13.07 -31.67 -9.42
N ILE A 154 -13.00 -30.43 -8.94
CA ILE A 154 -13.49 -29.27 -9.66
C ILE A 154 -12.32 -28.35 -9.89
N THR A 155 -12.54 -27.27 -10.64
CA THR A 155 -11.50 -26.30 -10.90
C THR A 155 -11.82 -24.98 -10.23
N SER A 156 -11.01 -23.96 -10.54
CA SER A 156 -11.33 -22.60 -10.11
C SER A 156 -12.69 -22.17 -10.67
N ASP A 157 -13.00 -22.58 -11.90
CA ASP A 157 -14.32 -22.26 -12.50
C ASP A 157 -15.43 -22.83 -11.62
N GLY A 158 -15.30 -24.10 -11.23
CA GLY A 158 -16.27 -24.78 -10.34
C GLY A 158 -16.32 -24.18 -8.95
N PHE A 159 -15.18 -23.64 -8.49
CA PHE A 159 -15.14 -22.92 -7.22
C PHE A 159 -16.04 -21.70 -7.18
N PHE A 160 -15.93 -20.87 -8.21
CA PHE A 160 -16.75 -19.69 -8.30
C PHE A 160 -18.21 -20.00 -8.62
N ALA A 161 -18.48 -21.24 -9.01
CA ALA A 161 -19.85 -21.73 -9.21
C ALA A 161 -20.48 -22.28 -7.93
N LEU A 162 -19.67 -22.47 -6.89
CA LEU A 162 -20.17 -23.03 -5.64
C LEU A 162 -21.23 -22.13 -4.96
N GLN A 163 -22.40 -22.71 -4.73
CA GLN A 163 -23.53 -22.01 -4.15
C GLN A 163 -23.55 -22.18 -2.64
N GLN A 164 -22.80 -23.17 -2.14
CA GLN A 164 -22.63 -23.37 -0.70
C GLN A 164 -21.15 -23.57 -0.37
N GLN A 165 -20.76 -23.18 0.84
CA GLN A 165 -19.41 -23.39 1.31
C GLN A 165 -19.11 -24.87 1.62
N PRO A 166 -18.03 -25.40 1.02
CA PRO A 166 -17.66 -26.77 1.35
C PRO A 166 -16.90 -26.83 2.68
N LYS A 167 -17.12 -27.92 3.41
CA LYS A 167 -16.66 -28.07 4.79
C LYS A 167 -15.20 -28.49 4.85
N ARG A 168 -14.79 -29.35 3.92
CA ARG A 168 -13.49 -30.02 3.97
C ARG A 168 -12.87 -30.10 2.58
N VAL A 169 -12.00 -29.14 2.27
CA VAL A 169 -11.45 -28.93 0.92
C VAL A 169 -10.02 -29.46 0.80
N ALA A 170 -9.74 -30.18 -0.28
CA ALA A 170 -8.37 -30.48 -0.68
C ALA A 170 -8.05 -29.65 -1.92
N ILE A 171 -6.91 -28.98 -1.88
CA ILE A 171 -6.47 -28.11 -2.98
C ILE A 171 -5.23 -28.73 -3.57
N ILE A 172 -5.25 -29.00 -4.86
CA ILE A 172 -4.13 -29.67 -5.51
C ILE A 172 -3.39 -28.65 -6.38
N GLY A 173 -2.16 -28.33 -5.98
CA GLY A 173 -1.42 -27.23 -6.61
C GLY A 173 -1.29 -26.05 -5.67
N ALA A 174 -0.06 -25.57 -5.55
CA ALA A 174 0.24 -24.42 -4.70
C ALA A 174 0.89 -23.27 -5.49
N GLY A 175 0.42 -23.05 -6.72
CA GLY A 175 0.66 -21.80 -7.45
C GLY A 175 -0.31 -20.76 -6.87
N TYR A 176 -0.51 -19.63 -7.55
CA TYR A 176 -1.24 -18.55 -6.92
C TYR A 176 -2.71 -18.89 -6.64
N ILE A 177 -3.37 -19.56 -7.60
CA ILE A 177 -4.77 -19.93 -7.48
C ILE A 177 -4.99 -20.84 -6.26
N GLY A 178 -4.16 -21.89 -6.11
CA GLY A 178 -4.27 -22.82 -4.97
C GLY A 178 -4.10 -22.16 -3.61
N ILE A 179 -3.09 -21.30 -3.51
CA ILE A 179 -2.78 -20.58 -2.29
C ILE A 179 -3.89 -19.60 -1.94
N GLU A 180 -4.37 -18.87 -2.94
CA GLU A 180 -5.43 -17.89 -2.73
C GLU A 180 -6.74 -18.55 -2.28
N LEU A 181 -7.11 -19.62 -2.95
CA LEU A 181 -8.34 -20.30 -2.62
C LEU A 181 -8.24 -20.95 -1.23
N ALA A 182 -7.07 -21.49 -0.90
CA ALA A 182 -6.85 -22.11 0.42
C ALA A 182 -7.03 -21.07 1.55
N GLY A 183 -6.52 -19.87 1.32
CA GLY A 183 -6.54 -18.80 2.30
C GLY A 183 -7.93 -18.31 2.59
N LEU A 184 -8.72 -18.04 1.54
CA LEU A 184 -10.07 -17.54 1.80
C LEU A 184 -10.98 -18.63 2.41
N LEU A 185 -10.86 -19.85 1.91
CA LEU A 185 -11.63 -21.00 2.44
C LEU A 185 -11.37 -21.27 3.93
N ARG A 186 -10.09 -21.17 4.33
CA ARG A 186 -9.74 -21.36 5.73
C ARG A 186 -10.16 -20.17 6.61
N SER A 187 -10.02 -18.93 6.11
CA SER A 187 -10.61 -17.83 6.88
C SER A 187 -12.13 -17.93 7.00
N PHE A 188 -12.80 -18.60 6.05
CA PHE A 188 -14.26 -18.84 6.16
C PHE A 188 -14.58 -20.04 7.07
N GLY A 189 -13.53 -20.69 7.55
CA GLY A 189 -13.65 -21.73 8.55
C GLY A 189 -13.74 -23.13 8.00
N SER A 190 -13.52 -23.27 6.70
CA SER A 190 -13.46 -24.60 6.10
C SER A 190 -12.18 -25.28 6.56
N GLU A 191 -12.22 -26.61 6.63
CA GLU A 191 -10.98 -27.38 6.71
C GLU A 191 -10.32 -27.38 5.34
N VAL A 192 -9.02 -27.10 5.33
CA VAL A 192 -8.28 -27.01 4.08
C VAL A 192 -6.92 -27.68 4.19
N THR A 193 -6.62 -28.50 3.20
CA THR A 193 -5.29 -29.03 3.07
C THR A 193 -4.89 -28.79 1.63
N VAL A 194 -3.68 -28.29 1.44
CA VAL A 194 -3.15 -28.16 0.09
C VAL A 194 -2.01 -29.11 -0.12
N VAL A 195 -2.00 -29.74 -1.30
CA VAL A 195 -0.91 -30.62 -1.69
C VAL A 195 -0.22 -30.00 -2.89
N ALA A 196 1.05 -30.34 -3.04
CA ALA A 196 1.89 -29.74 -4.07
C ALA A 196 3.04 -30.66 -4.40
N LEU A 197 3.34 -30.79 -5.69
CA LEU A 197 4.45 -31.60 -6.20
C LEU A 197 5.81 -31.08 -5.75
N GLU A 198 5.94 -29.76 -5.58
CA GLU A 198 7.22 -29.13 -5.26
C GLU A 198 7.55 -29.19 -3.77
N ASP A 199 8.79 -28.86 -3.40
CA ASP A 199 9.27 -28.95 -2.02
C ASP A 199 8.90 -27.73 -1.18
N ARG A 200 8.10 -26.82 -1.76
CA ARG A 200 7.63 -25.62 -1.10
C ARG A 200 6.48 -24.99 -1.89
N LEU A 201 5.70 -24.16 -1.20
CA LEU A 201 4.56 -23.49 -1.78
C LEU A 201 5.04 -22.33 -2.66
N LEU A 202 4.29 -22.01 -3.71
CA LEU A 202 4.64 -20.86 -4.57
C LEU A 202 6.09 -20.96 -5.00
N PHE A 203 6.41 -22.06 -5.69
CA PHE A 203 7.77 -22.39 -6.14
C PHE A 203 8.41 -21.30 -7.02
N GLN A 204 7.58 -20.60 -7.80
CA GLN A 204 8.05 -19.54 -8.71
C GLN A 204 8.46 -18.27 -7.97
N PHE A 205 8.00 -18.14 -6.73
CA PHE A 205 8.30 -16.99 -5.90
C PHE A 205 9.57 -17.17 -5.08
N ASP A 206 10.09 -16.07 -4.53
CA ASP A 206 11.30 -16.12 -3.73
C ASP A 206 11.06 -17.03 -2.52
N PRO A 207 12.06 -17.87 -2.17
CA PRO A 207 12.03 -18.78 -1.01
C PRO A 207 11.65 -18.13 0.34
N LEU A 208 12.04 -16.87 0.57
CA LEU A 208 11.62 -16.16 1.79
C LEU A 208 10.10 -15.97 1.82
N LEU A 209 9.51 -15.69 0.66
CA LEU A 209 8.05 -15.60 0.54
C LEU A 209 7.38 -16.97 0.72
N SER A 210 7.92 -17.99 0.07
CA SER A 210 7.38 -19.36 0.23
C SER A 210 7.40 -19.80 1.69
N ALA A 211 8.49 -19.50 2.41
CA ALA A 211 8.68 -19.93 3.80
C ALA A 211 7.76 -19.21 4.76
N THR A 212 7.64 -17.91 4.62
CA THR A 212 6.75 -17.21 5.54
C THR A 212 5.29 -17.44 5.23
N LEU A 213 4.96 -17.64 3.95
CA LEU A 213 3.62 -18.07 3.56
C LEU A 213 3.28 -19.39 4.23
N ALA A 214 4.22 -20.34 4.14
CA ALA A 214 4.08 -21.64 4.80
C ALA A 214 3.82 -21.44 6.28
N GLU A 215 4.59 -20.56 6.92
CA GLU A 215 4.42 -20.25 8.33
C GLU A 215 3.03 -19.67 8.63
N ASN A 216 2.60 -18.69 7.86
CA ASN A 216 1.29 -18.07 8.05
C ASN A 216 0.16 -19.06 7.87
N MET A 217 0.24 -19.88 6.81
CA MET A 217 -0.81 -20.85 6.52
C MET A 217 -0.91 -21.94 7.58
N HIS A 218 0.25 -22.38 8.10
CA HIS A 218 0.26 -23.35 9.21
C HIS A 218 -0.40 -22.78 10.47
N ALA A 219 -0.06 -21.54 10.80
CA ALA A 219 -0.63 -20.89 11.98
C ALA A 219 -2.14 -20.70 11.80
N GLN A 220 -2.59 -20.61 10.56
CA GLN A 220 -4.02 -20.42 10.32
C GLN A 220 -4.74 -21.78 10.26
N GLY A 221 -3.97 -22.87 10.38
CA GLY A 221 -4.53 -24.20 10.51
C GLY A 221 -4.75 -24.92 9.20
N ILE A 222 -4.10 -24.44 8.14
CA ILE A 222 -4.14 -25.11 6.85
C ILE A 222 -3.12 -26.23 6.90
N GLU A 223 -3.55 -27.41 6.45
CA GLU A 223 -2.69 -28.57 6.41
C GLU A 223 -2.01 -28.67 5.05
N THR A 224 -0.69 -28.82 5.03
CA THR A 224 -0.01 -28.92 3.74
C THR A 224 0.82 -30.18 3.60
N HIS A 225 0.86 -30.67 2.36
CA HIS A 225 1.68 -31.81 1.97
C HIS A 225 2.53 -31.41 0.76
N LEU A 226 3.85 -31.33 0.98
CA LEU A 226 4.83 -31.01 -0.05
C LEU A 226 5.35 -32.27 -0.72
N GLU A 227 5.90 -32.11 -1.94
CA GLU A 227 6.39 -33.25 -2.74
C GLU A 227 5.37 -34.39 -2.76
N PHE A 228 4.12 -34.03 -3.09
CA PHE A 228 2.97 -34.94 -3.03
C PHE A 228 2.35 -34.94 -4.40
N ALA A 229 2.55 -36.03 -5.13
CA ALA A 229 2.03 -36.14 -6.48
C ALA A 229 0.82 -37.06 -6.47
N VAL A 230 -0.35 -36.51 -6.78
CA VAL A 230 -1.56 -37.35 -6.83
C VAL A 230 -1.60 -38.23 -8.08
N ALA A 231 -1.96 -39.49 -7.84
CA ALA A 231 -2.03 -40.52 -8.86
C ALA A 231 -3.46 -40.69 -9.34
N ALA A 232 -4.41 -40.59 -8.39
CA ALA A 232 -5.84 -40.76 -8.63
C ALA A 232 -6.68 -40.07 -7.56
N LEU A 233 -7.95 -39.80 -7.90
CA LEU A 233 -8.95 -39.47 -6.88
C LEU A 233 -10.00 -40.58 -6.80
N GLU A 234 -10.32 -41.01 -5.59
CA GLU A 234 -11.28 -42.08 -5.38
C GLU A 234 -12.40 -41.65 -4.44
N ARG A 235 -13.61 -42.13 -4.70
CA ARG A 235 -14.75 -41.86 -3.83
C ARG A 235 -14.63 -42.70 -2.56
N ASP A 236 -14.71 -42.05 -1.40
CA ASP A 236 -14.80 -42.77 -0.12
C ASP A 236 -16.15 -42.50 0.52
N ALA A 237 -16.34 -43.00 1.74
CA ALA A 237 -17.50 -42.66 2.54
C ALA A 237 -17.47 -41.17 2.90
N GLN A 238 -18.59 -40.48 2.71
CA GLN A 238 -18.71 -39.03 2.99
C GLN A 238 -17.79 -38.05 2.20
N GLY A 239 -17.15 -38.51 1.12
CA GLY A 239 -16.36 -37.59 0.27
C GLY A 239 -15.47 -38.25 -0.76
N THR A 240 -14.39 -37.56 -1.15
CA THR A 240 -13.37 -38.11 -2.06
C THR A 240 -11.93 -38.04 -1.54
N THR A 241 -11.13 -39.03 -1.94
CA THR A 241 -9.79 -39.32 -1.40
C THR A 241 -8.70 -38.94 -2.40
N LEU A 242 -7.63 -38.35 -1.90
CA LEU A 242 -6.43 -38.16 -2.72
C LEU A 242 -5.49 -39.33 -2.50
N VAL A 243 -5.13 -39.99 -3.60
CA VAL A 243 -4.14 -41.06 -3.55
C VAL A 243 -2.88 -40.57 -4.25
N ALA A 244 -1.78 -40.55 -3.50
CA ALA A 244 -0.49 -40.15 -4.04
C ALA A 244 0.14 -41.34 -4.77
N GLN A 245 1.15 -41.09 -5.59
CA GLN A 245 1.83 -42.17 -6.29
C GLN A 245 2.88 -42.89 -5.42
N ASP A 246 2.76 -42.75 -4.09
CA ASP A 246 3.42 -43.66 -3.15
C ASP A 246 2.40 -44.37 -2.23
N GLY A 247 1.11 -44.29 -2.61
CA GLY A 247 0.03 -44.96 -1.90
C GLY A 247 -0.64 -44.15 -0.80
N THR A 248 -0.02 -43.05 -0.39
CA THR A 248 -0.58 -42.16 0.65
C THR A 248 -2.03 -41.82 0.33
N ARG A 249 -2.91 -42.00 1.30
CA ARG A 249 -4.33 -41.67 1.13
C ARG A 249 -4.74 -40.50 2.01
N LEU A 250 -5.38 -39.51 1.37
CA LEU A 250 -5.91 -38.36 2.10
C LEU A 250 -7.44 -38.27 2.03
N GLU A 251 -8.07 -38.59 3.16
CA GLU A 251 -9.34 -38.01 3.68
C GLU A 251 -10.67 -38.10 2.94
N GLY A 252 -11.71 -37.50 3.53
CA GLY A 252 -13.06 -37.48 2.96
C GLY A 252 -13.48 -36.07 2.64
N PHE A 253 -12.97 -35.56 1.52
CA PHE A 253 -13.11 -34.15 1.16
C PHE A 253 -14.42 -33.84 0.45
N ASP A 254 -15.17 -32.92 1.04
CA ASP A 254 -16.29 -32.21 0.43
C ASP A 254 -16.01 -31.71 -1.01
N SER A 255 -14.82 -31.20 -1.22
CA SER A 255 -14.47 -30.53 -2.46
C SER A 255 -12.99 -30.75 -2.72
N VAL A 256 -12.67 -31.19 -3.92
CA VAL A 256 -11.29 -31.36 -4.31
C VAL A 256 -11.08 -30.42 -5.49
N ILE A 257 -10.18 -29.46 -5.33
CA ILE A 257 -9.97 -28.44 -6.36
C ILE A 257 -8.61 -28.63 -7.02
N TRP A 258 -8.65 -28.91 -8.32
CA TRP A 258 -7.46 -28.86 -9.16
C TRP A 258 -7.02 -27.43 -9.39
N ALA A 259 -5.78 -27.13 -9.06
CA ALA A 259 -5.22 -25.80 -9.31
C ALA A 259 -3.77 -26.01 -9.75
N VAL A 260 -3.63 -26.79 -10.83
CA VAL A 260 -2.35 -27.23 -11.35
C VAL A 260 -2.01 -26.50 -12.66
N GLY A 261 -2.55 -25.30 -12.83
CA GLY A 261 -2.23 -24.50 -14.02
C GLY A 261 -3.39 -24.38 -14.99
N ARG A 262 -3.15 -23.68 -16.09
CA ARG A 262 -4.16 -23.38 -17.08
C ARG A 262 -3.61 -23.64 -18.48
N ALA A 263 -4.45 -24.20 -19.36
CA ALA A 263 -4.07 -24.49 -20.74
C ALA A 263 -4.65 -23.42 -21.69
N PRO A 264 -3.94 -23.12 -22.77
CA PRO A 264 -4.41 -22.08 -23.68
C PRO A 264 -5.50 -22.55 -24.64
N ASN A 265 -6.50 -21.69 -24.87
CA ASN A 265 -7.61 -22.00 -25.76
C ASN A 265 -7.23 -21.85 -27.21
N THR A 266 -6.39 -22.75 -27.67
CA THR A 266 -5.86 -22.67 -29.02
C THR A 266 -6.01 -23.99 -29.80
N ARG A 267 -6.72 -24.96 -29.22
CA ARG A 267 -6.84 -26.30 -29.83
C ARG A 267 -7.72 -26.33 -31.09
N ASP A 268 -8.82 -25.60 -31.04
CA ASP A 268 -9.81 -25.67 -32.12
C ASP A 268 -10.03 -24.28 -32.70
N LEU A 269 -8.97 -23.73 -33.27
CA LEU A 269 -8.94 -22.29 -33.59
C LEU A 269 -8.55 -22.04 -35.04
N GLY A 270 -8.34 -23.12 -35.79
CA GLY A 270 -7.94 -22.99 -37.18
C GLY A 270 -6.51 -22.49 -37.38
N LEU A 271 -5.67 -22.58 -36.34
CA LEU A 271 -4.29 -22.09 -36.45
C LEU A 271 -3.50 -22.79 -37.57
N GLU A 272 -3.79 -24.09 -37.76
CA GLU A 272 -3.16 -24.89 -38.85
C GLU A 272 -3.58 -24.29 -40.19
N ALA A 273 -4.88 -24.05 -40.36
CA ALA A 273 -5.44 -23.54 -41.62
C ALA A 273 -4.83 -22.18 -41.99
N ALA A 274 -4.48 -21.40 -40.95
CA ALA A 274 -3.88 -20.11 -41.17
C ALA A 274 -2.37 -20.17 -41.23
N GLY A 275 -1.76 -21.32 -40.96
CA GLY A 275 -0.30 -21.47 -41.05
C GLY A 275 0.43 -20.78 -39.89
N ILE A 276 -0.26 -20.63 -38.76
CA ILE A 276 0.25 -19.94 -37.58
C ILE A 276 0.98 -20.93 -36.69
N GLU A 277 2.23 -20.62 -36.35
CA GLU A 277 3.04 -21.43 -35.43
C GLU A 277 2.44 -21.49 -34.06
N VAL A 278 2.41 -22.70 -33.49
CA VAL A 278 1.86 -22.91 -32.17
C VAL A 278 2.63 -24.06 -31.56
N GLN A 279 2.96 -23.94 -30.27
CA GLN A 279 3.79 -24.93 -29.56
C GLN A 279 2.96 -26.13 -29.16
N SER A 280 3.65 -27.23 -28.83
CA SER A 280 2.96 -28.49 -28.45
C SER A 280 2.09 -28.23 -27.24
N ASN A 281 2.54 -27.37 -26.34
CA ASN A 281 1.73 -26.93 -25.19
C ASN A 281 0.57 -25.96 -25.52
N GLY A 282 0.35 -25.69 -26.81
CA GLY A 282 -0.70 -24.78 -27.24
C GLY A 282 -0.42 -23.28 -27.13
N MET A 283 0.75 -22.88 -26.63
CA MET A 283 1.12 -21.47 -26.65
C MET A 283 1.47 -21.01 -28.07
N VAL A 284 1.15 -19.76 -28.38
CA VAL A 284 1.40 -19.19 -29.71
C VAL A 284 2.65 -18.31 -29.57
N PRO A 285 3.78 -18.69 -30.21
CA PRO A 285 4.97 -17.82 -30.11
C PRO A 285 4.74 -16.44 -30.77
N THR A 286 5.38 -15.40 -30.25
CA THR A 286 5.28 -14.08 -30.85
C THR A 286 6.60 -13.45 -30.65
N ASP A 287 6.88 -12.44 -31.46
CA ASP A 287 8.02 -11.53 -31.24
C ASP A 287 7.68 -10.47 -30.16
N ALA A 288 8.59 -9.52 -29.92
CA ALA A 288 8.40 -8.50 -28.85
C ALA A 288 7.19 -7.61 -29.11
N TYR A 289 6.68 -7.67 -30.34
CA TYR A 289 5.60 -6.80 -30.83
C TYR A 289 4.29 -7.53 -31.07
N GLN A 290 4.16 -8.70 -30.41
CA GLN A 290 2.97 -9.57 -30.49
C GLN A 290 2.73 -10.22 -31.84
N ASN A 291 3.70 -10.11 -32.74
CA ASN A 291 3.51 -10.66 -34.09
C ASN A 291 3.67 -12.15 -34.05
N THR A 292 2.74 -12.86 -34.68
CA THR A 292 3.00 -14.24 -35.03
C THR A 292 3.94 -14.35 -36.26
N ASN A 293 4.09 -15.56 -36.77
CA ASN A 293 4.87 -15.83 -37.99
C ASN A 293 4.14 -15.45 -39.26
N VAL A 294 2.85 -15.13 -39.13
CA VAL A 294 2.09 -14.69 -40.30
C VAL A 294 1.68 -13.24 -40.23
N PRO A 295 2.03 -12.47 -41.27
CA PRO A 295 1.79 -11.03 -41.25
C PRO A 295 0.30 -10.73 -41.13
N GLY A 296 -0.04 -9.72 -40.34
CA GLY A 296 -1.45 -9.42 -40.05
C GLY A 296 -2.08 -10.26 -38.92
N VAL A 297 -1.31 -11.16 -38.32
CA VAL A 297 -1.83 -11.99 -37.20
C VAL A 297 -0.93 -11.81 -35.96
N TYR A 298 -1.58 -11.57 -34.84
CA TYR A 298 -0.92 -11.24 -33.59
C TYR A 298 -1.55 -12.11 -32.55
N ALA A 299 -0.84 -12.28 -31.45
CA ALA A 299 -1.40 -12.98 -30.32
C ALA A 299 -1.00 -12.19 -29.08
N LEU A 300 -1.94 -12.08 -28.14
CA LEU A 300 -1.57 -11.54 -26.85
C LEU A 300 -2.33 -12.23 -25.72
N GLY A 301 -1.97 -11.86 -24.50
CA GLY A 301 -2.60 -12.41 -23.35
C GLY A 301 -2.03 -13.75 -22.97
N ASP A 302 -2.85 -14.54 -22.32
CA ASP A 302 -2.38 -15.78 -21.70
C ASP A 302 -1.83 -16.78 -22.73
N ILE A 303 -2.41 -16.83 -23.93
CA ILE A 303 -1.96 -17.81 -24.95
C ILE A 303 -0.55 -17.58 -25.48
N THR A 304 0.06 -16.46 -25.12
CA THR A 304 1.42 -16.16 -25.54
C THR A 304 2.48 -16.74 -24.62
N GLY A 305 2.04 -17.31 -23.49
CA GLY A 305 2.94 -17.99 -22.57
C GLY A 305 3.82 -17.08 -21.74
N ARG A 306 3.54 -15.77 -21.76
CA ARG A 306 4.24 -14.78 -20.92
C ARG A 306 3.42 -14.56 -19.65
N ASP A 307 3.69 -13.48 -18.92
CA ASP A 307 3.08 -13.25 -17.62
C ASP A 307 1.56 -13.34 -17.70
N GLN A 308 0.97 -14.33 -17.03
CA GLN A 308 -0.44 -14.65 -17.20
C GLN A 308 -1.29 -13.76 -16.30
N LEU A 309 -1.32 -12.49 -16.65
CA LEU A 309 -1.93 -11.46 -15.81
C LEU A 309 -2.78 -10.55 -16.64
N THR A 310 -3.87 -10.06 -16.06
CA THR A 310 -4.78 -9.22 -16.80
C THR A 310 -4.11 -7.91 -17.28
N PRO A 311 -3.40 -7.20 -16.38
CA PRO A 311 -2.80 -5.93 -16.88
C PRO A 311 -1.74 -6.12 -17.94
N VAL A 312 -1.15 -7.32 -18.01
CA VAL A 312 -0.17 -7.64 -19.09
C VAL A 312 -0.89 -7.79 -20.44
N ALA A 313 -2.00 -8.55 -20.45
CA ALA A 313 -2.87 -8.62 -21.64
C ALA A 313 -3.30 -7.22 -22.10
N ILE A 314 -3.75 -6.39 -21.13
CA ILE A 314 -4.23 -5.04 -21.44
C ILE A 314 -3.14 -4.17 -22.05
N ALA A 315 -2.03 -4.01 -21.34
CA ALA A 315 -0.94 -3.16 -21.83
C ALA A 315 -0.43 -3.65 -23.17
N ALA A 316 -0.24 -4.96 -23.32
CA ALA A 316 0.16 -5.55 -24.62
C ALA A 316 -0.86 -5.24 -25.71
N GLY A 317 -2.15 -5.32 -25.37
CA GLY A 317 -3.22 -4.99 -26.31
C GLY A 317 -3.21 -3.51 -26.70
N ARG A 318 -3.10 -2.63 -25.70
CA ARG A 318 -3.08 -1.21 -25.95
C ARG A 318 -1.89 -0.76 -26.76
N ARG A 319 -0.70 -1.27 -26.43
CA ARG A 319 0.50 -0.93 -27.21
C ARG A 319 0.47 -1.43 -28.64
N LEU A 320 -0.13 -2.59 -28.84
CA LEU A 320 -0.28 -3.14 -30.18
C LEU A 320 -1.13 -2.23 -31.05
N ALA A 321 -2.27 -1.77 -30.51
CA ALA A 321 -3.17 -0.88 -31.25
C ALA A 321 -2.49 0.44 -31.59
N GLU A 322 -1.63 0.90 -30.68
CA GLU A 322 -0.88 2.14 -30.92
C GLU A 322 0.09 1.95 -32.07
N ARG A 323 0.76 0.79 -32.06
CA ARG A 323 1.67 0.44 -33.12
C ARG A 323 0.96 0.27 -34.50
N LEU A 324 -0.11 -0.52 -34.52
CA LEU A 324 -0.78 -0.83 -35.79
C LEU A 324 -1.56 0.35 -36.35
N PHE A 325 -2.14 1.17 -35.47
CA PHE A 325 -3.15 2.15 -35.89
C PHE A 325 -2.86 3.61 -35.57
N ASP A 326 -1.75 3.87 -34.88
CA ASP A 326 -1.37 5.24 -34.54
C ASP A 326 0.12 5.49 -34.86
N GLY A 327 0.66 4.73 -35.80
CA GLY A 327 2.01 4.93 -36.34
C GLY A 327 3.15 4.90 -35.34
N GLN A 328 2.88 4.36 -34.15
CA GLN A 328 3.91 4.21 -33.14
C GLN A 328 4.64 2.90 -33.38
N SER A 329 5.52 2.91 -34.40
CA SER A 329 6.06 1.68 -34.99
C SER A 329 6.93 0.87 -34.04
N GLU A 330 7.43 1.51 -32.98
CA GLU A 330 8.30 0.81 -32.06
C GLU A 330 7.61 0.46 -30.73
N ARG A 331 6.30 0.72 -30.63
CA ARG A 331 5.57 0.52 -29.36
C ARG A 331 5.42 -0.95 -29.04
N LYS A 332 5.79 -1.30 -27.81
CA LYS A 332 5.70 -2.68 -27.35
C LYS A 332 5.69 -2.68 -25.84
N LEU A 333 5.21 -3.78 -25.25
CA LEU A 333 5.29 -3.97 -23.81
C LEU A 333 6.67 -4.50 -23.41
N ASP A 334 7.24 -3.88 -22.38
CA ASP A 334 8.38 -4.43 -21.69
C ASP A 334 7.81 -5.52 -20.74
N TYR A 335 8.27 -6.75 -20.87
CA TYR A 335 7.85 -7.84 -19.97
C TYR A 335 8.79 -8.05 -18.78
N ASP A 336 9.75 -7.16 -18.60
CA ASP A 336 10.60 -7.17 -17.40
C ASP A 336 9.89 -6.45 -16.27
N ASN A 337 10.08 -6.93 -15.05
CA ASN A 337 9.69 -6.15 -13.87
C ASN A 337 8.20 -5.85 -13.83
N ILE A 338 7.40 -6.85 -14.21
CA ILE A 338 5.95 -6.78 -14.11
C ILE A 338 5.60 -7.08 -12.64
N PRO A 339 4.93 -6.13 -11.96
CA PRO A 339 4.59 -6.40 -10.57
C PRO A 339 3.41 -7.34 -10.42
N THR A 340 3.41 -8.11 -9.34
CA THR A 340 2.24 -8.93 -9.09
C THR A 340 1.86 -8.97 -7.59
N VAL A 341 0.62 -9.36 -7.29
CA VAL A 341 0.20 -9.70 -5.93
C VAL A 341 -0.41 -11.12 -5.92
N VAL A 342 -0.04 -11.94 -4.91
CA VAL A 342 -0.79 -13.19 -4.59
C VAL A 342 -1.67 -12.89 -3.39
N PHE A 343 -2.98 -13.06 -3.56
CA PHE A 343 -3.95 -12.64 -2.55
C PHE A 343 -4.19 -13.73 -1.48
N ALA A 344 -3.10 -14.12 -0.83
CA ALA A 344 -3.12 -14.97 0.38
C ALA A 344 -3.60 -14.12 1.55
N HIS A 345 -3.64 -14.70 2.74
CA HIS A 345 -4.06 -13.97 3.94
C HIS A 345 -2.98 -14.11 5.00
N PRO A 346 -2.11 -13.10 5.18
CA PRO A 346 -1.99 -11.81 4.47
C PRO A 346 -1.38 -11.97 3.08
N PRO A 347 -1.53 -10.94 2.22
CA PRO A 347 -1.14 -11.05 0.83
C PRO A 347 0.35 -10.89 0.64
N LEU A 348 0.81 -11.23 -0.55
CA LEU A 348 2.20 -11.02 -0.90
C LEU A 348 2.31 -10.36 -2.24
N SER A 349 3.46 -9.78 -2.49
CA SER A 349 3.65 -9.05 -3.69
C SER A 349 5.12 -9.07 -4.06
N LYS A 350 5.40 -9.03 -5.36
CA LYS A 350 6.77 -8.92 -5.83
C LYS A 350 6.85 -8.14 -7.15
N VAL A 351 8.05 -7.67 -7.45
CA VAL A 351 8.36 -7.15 -8.77
C VAL A 351 9.85 -7.49 -8.94
N GLY A 352 10.19 -7.94 -10.14
CA GLY A 352 11.57 -8.27 -10.47
C GLY A 352 11.89 -9.70 -10.11
N LEU A 353 13.15 -9.95 -9.83
CA LEU A 353 13.65 -11.30 -9.71
C LEU A 353 13.72 -11.78 -8.27
N SER A 354 13.42 -13.05 -8.07
CA SER A 354 13.67 -13.70 -6.80
C SER A 354 15.16 -13.86 -6.72
N GLU A 355 15.64 -14.19 -5.52
CA GLU A 355 17.07 -14.33 -5.34
C GLU A 355 17.61 -15.41 -6.29
N PRO A 356 17.00 -16.63 -6.31
CA PRO A 356 17.57 -17.66 -7.22
C PRO A 356 17.48 -17.26 -8.69
N GLU A 357 16.40 -16.59 -9.08
CA GLU A 357 16.29 -16.12 -10.48
C GLU A 357 17.42 -15.15 -10.78
N ALA A 358 17.65 -14.20 -9.86
CA ALA A 358 18.69 -13.21 -10.05
C ALA A 358 20.08 -13.84 -10.10
N ARG A 359 20.30 -14.88 -9.30
CA ARG A 359 21.54 -15.66 -9.35
C ARG A 359 21.72 -16.23 -10.74
N GLU A 360 20.67 -16.85 -11.26
CA GLU A 360 20.79 -17.55 -12.52
C GLU A 360 21.06 -16.60 -13.69
N ARG A 361 20.32 -15.50 -13.75
CA ARG A 361 20.47 -14.55 -14.86
C ARG A 361 21.69 -13.65 -14.78
N LEU A 362 22.06 -13.29 -13.55
CA LEU A 362 23.06 -12.25 -13.31
C LEU A 362 24.33 -12.75 -12.71
N GLY A 363 24.27 -13.96 -12.13
CA GLY A 363 25.43 -14.57 -11.48
C GLY A 363 25.68 -14.15 -10.05
N ASP A 364 26.92 -14.38 -9.59
CA ASP A 364 27.32 -14.12 -8.21
C ASP A 364 27.62 -12.63 -7.96
N VAL A 365 26.59 -11.79 -8.06
CA VAL A 365 26.75 -10.34 -8.01
C VAL A 365 25.73 -9.70 -7.05
N LEU A 366 25.14 -10.53 -6.20
CA LEU A 366 23.96 -10.12 -5.46
C LEU A 366 24.28 -9.65 -4.04
N THR A 367 23.74 -8.48 -3.72
CA THR A 367 23.65 -8.01 -2.33
C THR A 367 22.18 -8.11 -1.97
N VAL A 368 21.90 -8.93 -0.95
CA VAL A 368 20.55 -9.27 -0.57
C VAL A 368 20.22 -8.78 0.86
N TYR A 369 19.14 -8.02 0.98
CA TYR A 369 18.67 -7.49 2.25
C TYR A 369 17.34 -8.15 2.61
N GLU A 370 17.20 -8.59 3.86
CA GLU A 370 15.95 -9.21 4.32
C GLU A 370 15.54 -8.59 5.65
N THR A 371 14.24 -8.55 5.91
CA THR A 371 13.74 -8.31 7.24
C THR A 371 12.45 -9.08 7.49
N SER A 372 12.16 -9.31 8.78
CA SER A 372 10.95 -9.94 9.25
C SER A 372 10.45 -9.13 10.45
N PHE A 373 9.15 -8.91 10.56
CA PHE A 373 8.61 -8.20 11.73
C PHE A 373 7.11 -8.39 11.81
N THR A 374 6.54 -8.03 12.95
CA THR A 374 5.09 -8.08 13.13
C THR A 374 4.59 -6.67 13.02
N PRO A 375 3.75 -6.40 11.99
CA PRO A 375 3.34 -5.02 11.79
C PRO A 375 2.44 -4.58 12.96
N MET A 376 2.29 -3.26 13.07
CA MET A 376 1.47 -2.64 14.08
C MET A 376 -0.01 -3.06 14.00
N ARG A 377 -0.42 -3.52 12.82
CA ARG A 377 -1.76 -4.09 12.62
C ARG A 377 -2.11 -5.12 13.69
N TYR A 378 -1.13 -5.95 14.06
CA TYR A 378 -1.36 -6.98 15.09
C TYR A 378 -0.84 -6.63 16.50
N ALA A 379 -0.58 -5.33 16.73
CA ALA A 379 -0.05 -4.84 18.04
C ALA A 379 -0.78 -5.40 19.26
N LEU A 380 -2.11 -5.43 19.18
CA LEU A 380 -2.92 -5.85 20.32
C LEU A 380 -3.52 -7.22 20.13
N ASN A 381 -3.04 -7.97 19.13
CA ASN A 381 -3.42 -9.36 18.96
C ASN A 381 -2.31 -10.29 19.40
N GLU A 382 -2.67 -11.54 19.66
CA GLU A 382 -1.75 -12.46 20.23
C GLU A 382 -0.76 -13.06 19.27
N HIS A 383 -1.21 -13.57 18.13
CA HIS A 383 -0.28 -14.25 17.24
C HIS A 383 -0.43 -13.80 15.79
N GLY A 384 -0.22 -12.52 15.54
CA GLY A 384 -0.37 -12.00 14.17
C GLY A 384 0.66 -12.63 13.25
N PRO A 385 0.37 -12.70 11.94
CA PRO A 385 1.41 -13.12 11.00
C PRO A 385 2.53 -12.08 10.87
N LYS A 386 3.78 -12.55 10.71
CA LYS A 386 4.94 -11.66 10.65
C LYS A 386 5.12 -11.29 9.18
N THR A 387 5.41 -10.03 8.91
CA THR A 387 5.72 -9.59 7.55
C THR A 387 7.16 -10.01 7.25
N ALA A 388 7.44 -10.36 6.01
CA ALA A 388 8.84 -10.57 5.61
C ALA A 388 9.08 -9.87 4.27
N MET A 389 10.28 -9.32 4.12
CA MET A 389 10.64 -8.55 2.95
C MET A 389 12.04 -8.96 2.53
N LYS A 390 12.27 -8.96 1.21
CA LYS A 390 13.60 -9.12 0.65
C LYS A 390 13.82 -8.08 -0.46
N LEU A 391 14.98 -7.43 -0.42
CA LEU A 391 15.51 -6.66 -1.52
C LEU A 391 16.65 -7.41 -2.18
N VAL A 392 16.51 -7.65 -3.48
CA VAL A 392 17.56 -8.32 -4.26
C VAL A 392 18.18 -7.23 -5.13
N CYS A 393 19.45 -6.95 -4.83
CA CYS A 393 20.22 -5.93 -5.53
C CYS A 393 21.42 -6.58 -6.26
N ALA A 394 21.93 -5.90 -7.28
CA ALA A 394 22.93 -6.50 -8.14
C ALA A 394 24.00 -5.50 -8.56
N GLY A 395 25.24 -6.00 -8.68
CA GLY A 395 26.39 -5.17 -9.03
C GLY A 395 26.89 -4.30 -7.89
N PRO A 396 28.05 -3.65 -8.10
CA PRO A 396 28.64 -2.66 -7.19
C PRO A 396 27.68 -1.52 -6.85
N GLU A 397 26.81 -1.15 -7.81
CA GLU A 397 25.88 -0.05 -7.64
C GLU A 397 24.63 -0.46 -6.87
N GLN A 398 24.53 -1.76 -6.60
CA GLN A 398 23.37 -2.39 -5.93
C GLN A 398 22.03 -1.96 -6.54
N ARG A 399 21.95 -2.09 -7.86
CA ARG A 399 20.70 -1.90 -8.59
C ARG A 399 19.67 -2.87 -8.04
N VAL A 400 18.47 -2.37 -7.76
CA VAL A 400 17.42 -3.19 -7.19
C VAL A 400 16.81 -4.05 -8.31
N VAL A 401 17.03 -5.36 -8.25
CA VAL A 401 16.53 -6.25 -9.31
C VAL A 401 15.27 -7.05 -8.88
N GLY A 402 15.04 -7.14 -7.57
CA GLY A 402 13.80 -7.77 -7.04
C GLY A 402 13.36 -7.16 -5.72
N VAL A 403 12.05 -6.91 -5.59
CA VAL A 403 11.40 -6.45 -4.34
C VAL A 403 10.32 -7.49 -3.98
N HIS A 404 10.38 -8.00 -2.75
CA HIS A 404 9.55 -9.12 -2.30
C HIS A 404 8.96 -8.83 -0.92
N VAL A 405 7.65 -8.97 -0.80
CA VAL A 405 6.95 -8.67 0.46
C VAL A 405 5.77 -9.59 0.67
N ILE A 406 5.60 -10.05 1.90
CA ILE A 406 4.43 -10.78 2.31
C ILE A 406 4.05 -10.25 3.67
N GLY A 407 2.80 -9.88 3.83
CA GLY A 407 2.29 -9.42 5.11
C GLY A 407 1.26 -8.36 4.88
N ASP A 408 0.72 -7.80 5.96
CA ASP A 408 -0.34 -6.80 5.91
C ASP A 408 0.01 -5.56 5.03
N GLY A 409 -0.94 -5.12 4.21
CA GLY A 409 -0.72 -4.00 3.29
C GLY A 409 0.07 -4.34 2.04
N ALA A 410 0.60 -5.56 1.93
CA ALA A 410 1.42 -5.92 0.74
C ALA A 410 0.69 -5.75 -0.60
N ASP A 411 -0.64 -5.85 -0.58
CA ASP A 411 -1.45 -5.74 -1.81
C ASP A 411 -1.55 -4.34 -2.42
N GLU A 412 -1.24 -3.30 -1.65
CA GLU A 412 -1.19 -1.94 -2.17
C GLU A 412 0.21 -1.32 -2.10
N MET A 413 1.21 -2.11 -1.77
CA MET A 413 2.54 -1.59 -1.43
C MET A 413 3.50 -1.34 -2.59
N LEU A 414 3.51 -2.24 -3.58
CA LEU A 414 4.60 -2.30 -4.55
C LEU A 414 4.41 -1.65 -5.92
N GLN A 415 3.21 -1.16 -6.23
CA GLN A 415 2.97 -0.50 -7.52
C GLN A 415 3.96 0.68 -7.77
N GLY A 416 4.13 1.51 -6.74
CA GLY A 416 5.13 2.59 -6.75
C GLY A 416 6.55 2.08 -6.86
N PHE A 417 6.91 1.06 -6.05
CA PHE A 417 8.24 0.44 -6.16
C PHE A 417 8.51 -0.14 -7.56
N ALA A 418 7.46 -0.62 -8.24
CA ALA A 418 7.61 -1.13 -9.60
C ALA A 418 8.04 -0.02 -10.57
N VAL A 419 7.51 1.19 -10.39
CA VAL A 419 7.89 2.36 -11.18
C VAL A 419 9.40 2.67 -10.98
N ALA A 420 9.85 2.67 -9.72
CA ALA A 420 11.23 2.88 -9.38
C ALA A 420 12.19 1.82 -9.96
N VAL A 421 11.84 0.56 -9.81
CA VAL A 421 12.60 -0.56 -10.40
C VAL A 421 12.69 -0.47 -11.93
N LYS A 422 11.58 -0.11 -12.57
CA LYS A 422 11.57 0.15 -14.01
C LYS A 422 12.58 1.25 -14.34
N MET A 423 12.70 2.23 -13.44
CA MET A 423 13.63 3.34 -13.65
C MET A 423 15.07 2.98 -13.34
N GLY A 424 15.32 1.75 -12.96
CA GLY A 424 16.66 1.30 -12.58
C GLY A 424 17.07 1.83 -11.21
N ALA A 425 16.15 1.83 -10.27
CA ALA A 425 16.48 2.20 -8.87
C ALA A 425 17.63 1.38 -8.28
N THR A 426 18.50 2.04 -7.52
CA THR A 426 19.50 1.35 -6.75
C THR A 426 19.12 1.42 -5.26
N LYS A 427 19.90 0.75 -4.42
CA LYS A 427 19.69 0.77 -2.97
C LYS A 427 19.83 2.21 -2.46
N ALA A 428 20.79 2.95 -3.02
CA ALA A 428 20.94 4.38 -2.71
C ALA A 428 19.65 5.15 -2.99
N ASP A 429 18.96 4.84 -4.09
CA ASP A 429 17.70 5.53 -4.41
C ASP A 429 16.68 5.24 -3.31
N PHE A 430 16.62 3.98 -2.89
CA PHE A 430 15.69 3.57 -1.85
C PHE A 430 16.04 4.27 -0.52
N ASP A 431 17.29 4.15 -0.10
CA ASP A 431 17.74 4.70 1.21
C ASP A 431 17.66 6.23 1.26
N ASN A 432 17.82 6.88 0.13
CA ASN A 432 17.69 8.32 0.11
C ASN A 432 16.24 8.81 0.11
N THR A 433 15.29 7.87 0.12
CA THR A 433 13.89 8.23 0.21
C THR A 433 13.47 8.19 1.67
N VAL A 434 12.88 9.28 2.13
CA VAL A 434 12.44 9.37 3.52
C VAL A 434 11.29 8.40 3.73
N ALA A 435 11.34 7.71 4.86
CA ALA A 435 10.31 6.79 5.26
C ALA A 435 9.02 7.53 5.60
N ILE A 436 7.91 6.86 5.32
CA ILE A 436 6.62 7.15 5.93
C ILE A 436 6.48 6.37 7.25
N HIS A 437 6.10 7.05 8.34
CA HIS A 437 5.99 6.38 9.64
C HIS A 437 4.68 6.77 10.31
N PRO A 438 4.01 5.82 11.01
CA PRO A 438 4.32 4.39 11.06
C PRO A 438 3.61 3.58 9.95
N GLY A 439 4.30 2.58 9.42
CA GLY A 439 3.67 1.59 8.54
C GLY A 439 4.72 0.55 8.18
N SER A 440 4.37 -0.33 7.26
CA SER A 440 5.29 -1.41 6.89
C SER A 440 6.21 -1.08 5.73
N ALA A 441 5.69 -0.33 4.75
CA ALA A 441 6.48 0.01 3.59
C ALA A 441 7.78 0.67 3.95
N GLU A 442 7.81 1.45 5.04
CA GLU A 442 9.07 2.12 5.42
C GLU A 442 10.24 1.14 5.64
N GLU A 443 9.92 -0.11 5.96
CA GLU A 443 10.99 -1.08 6.17
C GLU A 443 11.79 -1.37 4.90
N LEU A 444 11.15 -1.20 3.76
CA LEU A 444 11.81 -1.36 2.46
C LEU A 444 12.84 -0.28 2.13
N VAL A 445 12.67 0.91 2.69
CA VAL A 445 13.69 1.97 2.48
C VAL A 445 14.63 2.15 3.66
N THR A 446 14.53 1.27 4.66
CA THR A 446 15.38 1.40 5.83
C THR A 446 16.14 0.11 6.17
N LEU A 447 16.32 -0.72 5.13
CA LEU A 447 17.12 -1.95 5.26
C LEU A 447 18.59 -1.61 5.42
N LYS A 448 19.19 -2.12 6.49
CA LYS A 448 20.56 -1.78 6.86
C LYS A 448 21.29 -3.10 7.00
N GLU A 449 22.43 -3.21 6.34
CA GLU A 449 23.25 -4.44 6.40
C GLU A 449 22.61 -5.65 5.71
N PRO A 450 23.29 -6.15 4.67
CA PRO A 450 22.73 -7.25 3.89
C PRO A 450 22.93 -8.58 4.59
N VAL A 451 22.09 -9.55 4.27
CA VAL A 451 22.24 -10.90 4.80
C VAL A 451 23.24 -11.69 3.94
N ARG A 452 23.24 -11.39 2.64
CA ARG A 452 24.21 -11.97 1.71
C ARG A 452 24.81 -10.92 0.76
N ARG A 453 26.07 -11.16 0.42
CA ARG A 453 26.89 -10.32 -0.45
C ARG A 453 27.48 -11.26 -1.52
N PRO A 454 28.04 -10.71 -2.63
CA PRO A 454 28.65 -11.65 -3.58
C PRO A 454 29.66 -12.57 -2.87
N GLY A 455 29.56 -13.88 -3.11
CA GLY A 455 30.34 -14.90 -2.39
C GLY A 455 29.55 -15.49 -1.23
N THR B 2 33.03 14.44 30.91
CA THR B 2 32.37 15.69 31.35
C THR B 2 32.73 16.85 30.41
N GLN B 3 33.65 16.56 29.49
CA GLN B 3 34.07 17.49 28.43
C GLN B 3 34.80 16.72 27.31
N HIS B 4 34.84 15.39 27.46
CA HIS B 4 35.55 14.52 26.54
C HIS B 4 34.55 13.81 25.66
N PHE B 5 33.30 14.27 25.70
CA PHE B 5 32.27 13.75 24.81
C PHE B 5 32.50 14.31 23.41
N ASP B 6 32.39 13.43 22.42
CA ASP B 6 32.33 13.83 21.03
C ASP B 6 30.98 14.51 20.77
N LEU B 7 29.95 13.94 21.37
CA LEU B 7 28.59 14.41 21.13
C LEU B 7 27.74 14.49 22.38
N ILE B 8 27.06 15.62 22.50
CA ILE B 8 25.90 15.70 23.36
C ILE B 8 24.64 15.85 22.49
N ALA B 9 23.72 14.90 22.60
CA ALA B 9 22.39 15.09 22.01
C ALA B 9 21.41 15.51 23.10
N ILE B 10 20.82 16.69 22.90
CA ILE B 10 19.83 17.21 23.87
C ILE B 10 18.43 16.79 23.41
N GLY B 11 17.84 15.84 24.11
CA GLY B 11 16.53 15.31 23.72
C GLY B 11 16.70 13.89 23.24
N GLY B 12 15.94 12.97 23.84
CA GLY B 12 15.97 11.54 23.53
C GLY B 12 14.72 11.15 22.73
N GLY B 13 14.35 12.03 21.79
CA GLY B 13 13.24 11.79 20.91
C GLY B 13 13.77 11.21 19.62
N SER B 14 12.97 11.38 18.57
CA SER B 14 13.29 10.85 17.26
C SER B 14 14.64 11.29 16.71
N GLY B 15 14.86 12.61 16.71
CA GLY B 15 16.13 13.15 16.21
C GLY B 15 17.33 12.84 17.09
N GLY B 16 17.16 13.05 18.38
CA GLY B 16 18.20 12.83 19.37
C GLY B 16 18.67 11.40 19.46
N LEU B 17 17.73 10.46 19.49
CA LEU B 17 18.03 9.03 19.47
C LEU B 17 18.82 8.64 18.23
N ALA B 18 18.34 9.12 17.07
CA ALA B 18 18.94 8.83 15.77
C ALA B 18 20.41 9.29 15.64
N VAL B 19 20.69 10.55 16.00
CA VAL B 19 22.06 11.06 16.00
C VAL B 19 22.94 10.33 17.04
N ALA B 20 22.41 10.12 18.25
CA ALA B 20 23.20 9.47 19.31
C ALA B 20 23.54 8.03 18.90
N GLU B 21 22.55 7.30 18.42
CA GLU B 21 22.75 5.94 17.94
C GLU B 21 23.78 5.80 16.80
N LYS B 22 23.71 6.64 15.77
CA LYS B 22 24.68 6.58 14.69
C LYS B 22 26.07 7.01 15.17
N ALA B 23 26.13 8.06 15.98
CA ALA B 23 27.42 8.47 16.55
C ALA B 23 28.04 7.36 17.39
N ALA B 24 27.26 6.76 18.28
CA ALA B 24 27.77 5.64 19.09
C ALA B 24 28.23 4.50 18.19
N ALA B 25 27.54 4.29 17.07
CA ALA B 25 27.92 3.23 16.11
C ALA B 25 29.24 3.50 15.35
N PHE B 26 29.60 4.78 15.16
CA PHE B 26 30.93 5.12 14.64
C PHE B 26 31.99 5.20 15.75
N GLY B 27 31.68 4.62 16.92
CA GLY B 27 32.63 4.51 18.04
C GLY B 27 32.91 5.81 18.77
N LYS B 28 31.96 6.73 18.70
CA LYS B 28 32.12 8.02 19.36
C LYS B 28 31.61 7.96 20.79
N ARG B 29 32.10 8.88 21.63
CA ARG B 29 31.67 9.01 23.01
C ARG B 29 30.51 10.00 23.08
N VAL B 30 29.37 9.50 23.51
CA VAL B 30 28.10 10.19 23.35
C VAL B 30 27.38 10.33 24.67
N ALA B 31 26.91 11.55 24.94
CA ALA B 31 26.01 11.84 26.07
C ALA B 31 24.62 12.13 25.50
N LEU B 32 23.57 11.56 26.11
CA LEU B 32 22.19 11.86 25.67
C LEU B 32 21.38 12.41 26.85
N ILE B 33 20.77 13.57 26.66
CA ILE B 33 20.01 14.23 27.71
C ILE B 33 18.53 14.10 27.40
N GLU B 34 17.77 13.59 28.36
CA GLU B 34 16.32 13.45 28.26
C GLU B 34 15.70 13.79 29.62
N SER B 35 14.77 14.74 29.61
CA SER B 35 14.04 15.16 30.81
C SER B 35 12.82 14.28 31.13
N LYS B 36 12.26 13.63 30.10
CA LYS B 36 11.09 12.77 30.25
C LYS B 36 11.39 11.32 29.83
N ALA B 37 10.79 10.84 28.75
CA ALA B 37 10.95 9.44 28.34
C ALA B 37 11.60 9.31 26.97
N LEU B 38 12.47 8.31 26.82
CA LEU B 38 13.08 8.04 25.51
C LEU B 38 11.98 7.72 24.51
N GLY B 39 12.18 8.14 23.27
CA GLY B 39 11.18 7.93 22.22
C GLY B 39 10.49 9.24 21.88
N GLY B 40 10.59 10.21 22.79
CA GLY B 40 10.01 11.52 22.59
C GLY B 40 8.51 11.47 22.34
N THR B 41 8.05 12.43 21.56
CA THR B 41 6.63 12.55 21.24
C THR B 41 6.08 11.37 20.44
N CYS B 42 6.87 10.88 19.51
CA CYS B 42 6.38 9.89 18.58
C CYS B 42 5.93 8.59 19.27
N VAL B 43 6.83 8.02 20.04
CA VAL B 43 6.60 6.79 20.80
C VAL B 43 5.54 6.95 21.91
N ASN B 44 5.64 8.03 22.66
CA ASN B 44 4.84 8.17 23.88
C ASN B 44 3.49 8.83 23.68
N VAL B 45 3.41 9.90 22.89
CA VAL B 45 2.15 10.63 22.78
C VAL B 45 1.84 11.04 21.32
N GLY B 46 2.35 10.30 20.35
CA GLY B 46 2.30 10.75 18.95
C GLY B 46 1.99 9.61 18.01
N CYS B 47 2.88 9.41 17.02
CA CYS B 47 2.72 8.43 15.95
C CYS B 47 2.19 7.08 16.44
N VAL B 48 2.85 6.53 17.44
CA VAL B 48 2.60 5.13 17.84
C VAL B 48 1.23 4.97 18.49
N PRO B 49 0.95 5.73 19.58
CA PRO B 49 -0.38 5.59 20.15
C PRO B 49 -1.48 5.98 19.16
N LYS B 50 -1.23 7.00 18.33
CA LYS B 50 -2.17 7.36 17.31
C LYS B 50 -2.50 6.18 16.39
N LYS B 51 -1.46 5.51 15.88
CA LYS B 51 -1.61 4.44 14.92
C LYS B 51 -2.23 3.20 15.55
N VAL B 52 -1.91 2.92 16.81
CA VAL B 52 -2.57 1.81 17.51
C VAL B 52 -4.08 2.06 17.60
N MET B 53 -4.49 3.26 18.02
CA MET B 53 -5.91 3.61 18.06
C MET B 53 -6.56 3.63 16.67
N TRP B 54 -5.78 4.03 15.67
CA TRP B 54 -6.21 3.95 14.28
C TRP B 54 -6.55 2.53 13.83
N TYR B 55 -5.71 1.57 14.21
CA TYR B 55 -6.05 0.19 13.94
C TYR B 55 -7.40 -0.23 14.56
N ALA B 56 -7.67 0.24 15.79
CA ALA B 56 -8.95 -0.08 16.46
C ALA B 56 -10.16 0.48 15.69
N SER B 57 -10.06 1.72 15.24
CA SER B 57 -11.14 2.31 14.45
C SER B 57 -11.27 1.66 13.05
N HIS B 58 -10.13 1.21 12.48
CA HIS B 58 -10.05 0.45 11.23
C HIS B 58 -10.79 -0.89 11.42
N LEU B 59 -10.59 -1.54 12.56
CA LEU B 59 -11.28 -2.79 12.83
C LEU B 59 -12.79 -2.59 13.12
N ALA B 60 -13.12 -1.52 13.82
CA ALA B 60 -14.52 -1.09 14.03
C ALA B 60 -15.26 -0.82 12.72
N GLU B 61 -14.59 -0.18 11.76
CA GLU B 61 -15.16 0.00 10.44
C GLU B 61 -15.35 -1.37 9.74
N ALA B 62 -14.34 -2.21 9.82
CA ALA B 62 -14.40 -3.55 9.27
C ALA B 62 -15.57 -4.38 9.83
N VAL B 63 -15.87 -4.22 11.12
CA VAL B 63 -16.98 -4.95 11.71
C VAL B 63 -18.31 -4.40 11.22
N ARG B 64 -18.40 -3.08 11.05
CA ARG B 64 -19.57 -2.44 10.46
C ARG B 64 -19.86 -2.95 9.03
N ASP B 65 -18.81 -3.31 8.29
CA ASP B 65 -18.87 -3.58 6.85
C ASP B 65 -18.97 -5.07 6.52
N ALA B 66 -18.64 -5.89 7.52
CA ALA B 66 -18.59 -7.34 7.39
C ALA B 66 -19.92 -7.97 6.91
N PRO B 67 -21.07 -7.61 7.55
CA PRO B 67 -22.36 -8.16 7.10
C PRO B 67 -22.64 -8.03 5.61
N GLY B 68 -22.18 -6.95 4.99
CA GLY B 68 -22.40 -6.72 3.57
C GLY B 68 -21.73 -7.78 2.73
N PHE B 69 -20.59 -8.26 3.20
CA PHE B 69 -19.84 -9.34 2.51
C PHE B 69 -20.26 -10.73 3.00
N GLY B 70 -21.34 -10.79 3.78
CA GLY B 70 -21.85 -12.04 4.31
C GLY B 70 -21.17 -12.52 5.58
N VAL B 71 -20.26 -11.71 6.12
CA VAL B 71 -19.53 -12.09 7.34
C VAL B 71 -20.33 -11.61 8.54
N GLN B 72 -20.77 -12.55 9.38
CA GLN B 72 -21.52 -12.21 10.60
C GLN B 72 -20.62 -11.47 11.57
N ALA B 73 -21.13 -10.35 12.04
CA ALA B 73 -20.45 -9.55 13.02
C ALA B 73 -21.52 -8.67 13.62
N SER B 74 -21.62 -8.74 14.93
CA SER B 74 -22.49 -7.92 15.78
C SER B 74 -22.30 -6.41 15.60
N GLY B 75 -21.14 -5.92 16.02
CA GLY B 75 -20.79 -4.51 15.98
C GLY B 75 -20.25 -4.08 17.32
N THR B 77 -18.92 -2.12 19.43
CA THR B 77 -18.81 -1.13 20.52
C THR B 77 -17.43 -1.22 21.22
N LEU B 78 -16.84 -0.06 21.48
CA LEU B 78 -15.46 0.01 21.94
C LEU B 78 -15.33 -0.09 23.46
N ASP B 79 -14.44 -0.98 23.90
CA ASP B 79 -13.99 -1.02 25.30
C ASP B 79 -12.75 -0.14 25.32
N TRP B 80 -12.97 1.15 25.57
CA TRP B 80 -11.90 2.15 25.58
C TRP B 80 -10.82 1.82 26.59
N PRO B 81 -11.20 1.45 27.84
CA PRO B 81 -10.15 1.02 28.78
C PRO B 81 -9.27 -0.08 28.25
N ARG B 82 -9.84 -1.06 27.55
CA ARG B 82 -9.05 -2.16 27.00
C ARG B 82 -8.12 -1.70 25.88
N LEU B 83 -8.62 -0.83 25.01
CA LEU B 83 -7.77 -0.24 23.97
C LEU B 83 -6.59 0.52 24.60
N VAL B 84 -6.88 1.36 25.59
CA VAL B 84 -5.80 2.14 26.23
C VAL B 84 -4.77 1.26 26.90
N ALA B 85 -5.25 0.21 27.61
CA ALA B 85 -4.38 -0.75 28.27
C ALA B 85 -3.43 -1.45 27.29
N GLY B 86 -3.96 -1.97 26.17
CA GLY B 86 -3.10 -2.65 25.19
C GLY B 86 -2.17 -1.68 24.49
N ARG B 87 -2.69 -0.51 24.12
CA ARG B 87 -1.87 0.58 23.56
C ARG B 87 -0.66 0.95 24.45
N ASP B 88 -0.89 1.13 25.76
CA ASP B 88 0.17 1.58 26.67
C ASP B 88 1.20 0.49 26.91
N ARG B 89 0.74 -0.76 26.96
CA ARG B 89 1.61 -1.91 27.06
C ARG B 89 2.52 -1.96 25.84
N TYR B 90 1.95 -1.71 24.67
CA TYR B 90 2.69 -1.71 23.41
C TYR B 90 3.73 -0.59 23.35
N ILE B 91 3.31 0.64 23.68
CA ILE B 91 4.20 1.80 23.79
C ILE B 91 5.31 1.59 24.86
N GLY B 92 4.92 1.02 26.00
CA GLY B 92 5.85 0.72 27.10
C GLY B 92 7.01 -0.12 26.62
N ALA B 93 6.73 -1.16 25.83
CA ALA B 93 7.78 -2.05 25.33
C ALA B 93 8.74 -1.35 24.40
N ILE B 94 8.23 -0.43 23.60
CA ILE B 94 9.09 0.38 22.75
C ILE B 94 9.97 1.30 23.59
N ASN B 95 9.36 1.96 24.56
CA ASN B 95 10.16 2.68 25.51
C ASN B 95 11.25 1.82 26.18
N SER B 96 10.89 0.62 26.65
CA SER B 96 11.86 -0.26 27.28
C SER B 96 12.98 -0.69 26.33
N PHE B 97 12.63 -0.94 25.08
CA PHE B 97 13.66 -1.23 24.07
C PHE B 97 14.71 -0.11 24.02
N TRP B 98 14.25 1.13 23.92
CA TRP B 98 15.15 2.28 23.75
C TRP B 98 15.96 2.52 24.99
N ASP B 99 15.33 2.37 26.16
CA ASP B 99 16.11 2.41 27.40
C ASP B 99 17.25 1.39 27.40
N GLY B 100 16.95 0.15 27.05
CA GLY B 100 17.99 -0.91 27.03
C GLY B 100 19.02 -0.69 25.93
N TYR B 101 18.55 -0.29 24.76
CA TYR B 101 19.42 -0.06 23.61
C TYR B 101 20.40 1.09 23.84
N VAL B 102 19.93 2.19 24.44
CA VAL B 102 20.82 3.30 24.76
C VAL B 102 21.97 2.84 25.70
N GLU B 103 21.68 1.95 26.64
CA GLU B 103 22.70 1.37 27.51
C GLU B 103 23.62 0.38 26.77
N ARG B 104 23.01 -0.48 25.96
CA ARG B 104 23.73 -1.40 25.08
C ARG B 104 24.76 -0.65 24.19
N LEU B 105 24.37 0.52 23.69
CA LEU B 105 25.27 1.36 22.86
C LEU B 105 26.43 2.05 23.62
N GLY B 106 26.34 2.09 24.94
CA GLY B 106 27.35 2.73 25.77
C GLY B 106 27.16 4.24 25.88
N ILE B 107 25.95 4.70 25.56
CA ILE B 107 25.66 6.13 25.54
C ILE B 107 25.52 6.57 26.98
N THR B 108 26.07 7.73 27.32
CA THR B 108 25.89 8.23 28.65
C THR B 108 24.56 8.95 28.74
N ARG B 109 23.61 8.35 29.45
CA ARG B 109 22.30 8.95 29.60
C ARG B 109 22.31 9.93 30.76
N VAL B 110 21.84 11.15 30.51
CA VAL B 110 21.71 12.13 31.57
C VAL B 110 20.24 12.51 31.70
N ASP B 111 19.70 12.30 32.89
CA ASP B 111 18.33 12.63 33.15
C ASP B 111 18.15 14.08 33.62
N GLY B 112 17.18 14.76 33.02
CA GLY B 112 16.90 16.14 33.36
C GLY B 112 16.88 17.08 32.18
N HIS B 113 16.55 18.33 32.48
CA HIS B 113 16.46 19.41 31.51
C HIS B 113 17.80 20.15 31.30
N ALA B 114 18.31 20.07 30.07
CA ALA B 114 19.54 20.78 29.66
C ALA B 114 19.26 22.22 29.27
N ARG B 115 20.20 23.10 29.64
CA ARG B 115 20.29 24.48 29.15
C ARG B 115 21.75 24.69 28.78
N PHE B 116 22.01 25.40 27.69
CA PHE B 116 23.36 25.85 27.37
C PHE B 116 23.83 26.82 28.43
N VAL B 117 25.12 26.76 28.72
CA VAL B 117 25.75 27.71 29.63
C VAL B 117 26.68 28.59 28.82
N ASP B 118 27.29 27.99 27.80
CA ASP B 118 28.02 28.74 26.77
C ASP B 118 27.98 27.94 25.46
N ALA B 119 28.73 28.38 24.44
CA ALA B 119 28.67 27.75 23.10
C ALA B 119 28.92 26.24 23.06
N HIS B 120 29.68 25.72 24.03
CA HIS B 120 30.04 24.31 23.99
C HIS B 120 29.79 23.60 25.31
N THR B 121 28.92 24.17 26.15
CA THR B 121 28.56 23.53 27.41
C THR B 121 27.12 23.73 27.84
N ILE B 122 26.58 22.63 28.35
CA ILE B 122 25.25 22.58 28.90
C ILE B 122 25.34 22.32 30.41
N GLU B 123 24.26 22.62 31.09
CA GLU B 123 24.13 22.30 32.49
C GLU B 123 22.78 21.60 32.68
N VAL B 124 22.80 20.49 33.41
CA VAL B 124 21.59 19.73 33.69
C VAL B 124 21.59 19.44 35.18
N GLU B 125 20.59 19.99 35.88
CA GLU B 125 20.48 19.94 37.34
C GLU B 125 21.83 20.18 38.04
N GLY B 126 22.50 21.26 37.64
CA GLY B 126 23.75 21.71 38.28
C GLY B 126 25.04 21.12 37.73
N GLN B 127 24.94 20.01 37.00
CA GLN B 127 26.09 19.35 36.38
C GLN B 127 26.36 19.90 34.98
N ARG B 128 27.55 20.45 34.80
CA ARG B 128 27.98 20.94 33.51
C ARG B 128 28.67 19.85 32.71
N LEU B 129 28.43 19.86 31.40
CA LEU B 129 29.01 18.88 30.45
C LEU B 129 29.33 19.62 29.15
N SER B 130 30.47 19.31 28.55
CA SER B 130 30.86 19.89 27.29
C SER B 130 31.07 18.78 26.27
N ALA B 131 31.04 19.16 25.00
CA ALA B 131 31.36 18.26 23.90
C ALA B 131 31.84 19.08 22.70
N ASP B 132 32.56 18.40 21.79
CA ASP B 132 32.89 18.95 20.49
C ASP B 132 31.64 19.30 19.74
N HIS B 133 30.61 18.46 19.86
CA HIS B 133 29.37 18.65 19.11
C HIS B 133 28.15 18.57 20.01
N ILE B 134 27.31 19.60 19.97
CA ILE B 134 26.05 19.57 20.69
C ILE B 134 24.87 19.66 19.72
N VAL B 135 24.07 18.59 19.70
CA VAL B 135 22.90 18.56 18.82
C VAL B 135 21.61 18.79 19.64
N ILE B 136 20.88 19.82 19.25
CA ILE B 136 19.64 20.20 19.92
C ILE B 136 18.48 19.52 19.21
N ALA B 137 17.74 18.68 19.93
CA ALA B 137 16.59 18.01 19.33
C ALA B 137 15.53 17.88 20.40
N THR B 138 15.06 19.03 20.86
CA THR B 138 14.18 19.13 22.03
C THR B 138 12.68 19.01 21.69
N GLY B 139 12.37 18.90 20.39
CA GLY B 139 10.99 18.75 19.91
C GLY B 139 10.03 19.85 20.30
N GLY B 140 8.75 19.51 20.38
CA GLY B 140 7.70 20.51 20.56
C GLY B 140 6.66 20.06 21.56
N ARG B 141 5.56 20.80 21.60
CA ARG B 141 4.47 20.56 22.53
C ARG B 141 3.22 21.19 21.89
N PRO B 142 2.02 20.70 22.25
CA PRO B 142 0.81 21.32 21.72
C PRO B 142 0.68 22.80 22.15
N ILE B 143 0.23 23.64 21.23
CA ILE B 143 -0.15 25.02 21.54
C ILE B 143 -1.53 25.03 22.20
N VAL B 144 -1.65 25.78 23.29
CA VAL B 144 -2.95 26.17 23.84
C VAL B 144 -2.99 27.69 23.70
N PRO B 145 -3.91 28.22 22.86
CA PRO B 145 -3.98 29.66 22.64
C PRO B 145 -4.27 30.41 23.94
N ARG B 146 -3.81 31.66 24.00
CA ARG B 146 -4.07 32.55 25.12
C ARG B 146 -5.45 33.19 25.00
N LEU B 147 -6.49 32.37 25.18
CA LEU B 147 -7.89 32.80 25.03
C LEU B 147 -8.67 32.52 26.32
N PRO B 148 -9.74 33.31 26.58
CA PRO B 148 -10.53 33.07 27.80
C PRO B 148 -11.07 31.64 27.85
N GLY B 149 -10.90 30.97 28.98
CA GLY B 149 -11.37 29.59 29.15
C GLY B 149 -10.61 28.51 28.39
N ALA B 150 -9.44 28.84 27.83
CA ALA B 150 -8.66 27.89 27.02
C ALA B 150 -8.27 26.62 27.78
N GLU B 151 -8.13 26.76 29.10
CA GLU B 151 -7.78 25.67 30.01
C GLU B 151 -8.90 24.66 30.19
N LEU B 152 -10.09 24.97 29.69
CA LEU B 152 -11.20 24.05 29.70
C LEU B 152 -11.00 23.01 28.62
N GLY B 153 -10.12 23.36 27.68
CA GLY B 153 -9.75 22.43 26.61
C GLY B 153 -8.58 21.53 26.95
N ILE B 154 -8.42 20.51 26.12
CA ILE B 154 -7.36 19.54 26.29
C ILE B 154 -6.55 19.56 25.00
N THR B 155 -5.35 18.99 25.04
CA THR B 155 -4.55 18.81 23.83
C THR B 155 -4.45 17.32 23.48
N SER B 156 -3.71 17.01 22.41
CA SER B 156 -3.44 15.63 22.03
C SER B 156 -2.76 14.85 23.17
N ASP B 157 -1.98 15.53 24.01
CA ASP B 157 -1.33 14.89 25.16
C ASP B 157 -2.41 14.40 26.12
N GLY B 158 -3.37 15.28 26.43
CA GLY B 158 -4.52 14.91 27.25
C GLY B 158 -5.40 13.86 26.60
N PHE B 159 -5.51 13.91 25.26
CA PHE B 159 -6.23 12.86 24.55
C PHE B 159 -5.69 11.45 24.82
N PHE B 160 -4.39 11.29 24.66
CA PHE B 160 -3.75 10.00 24.93
C PHE B 160 -3.71 9.64 26.41
N ALA B 161 -4.06 10.61 27.26
CA ALA B 161 -4.18 10.39 28.69
C ALA B 161 -5.61 9.98 29.11
N LEU B 162 -6.60 10.24 28.24
CA LEU B 162 -7.99 9.87 28.52
C LEU B 162 -8.17 8.38 28.83
N GLN B 163 -8.75 8.09 29.98
CA GLN B 163 -8.92 6.72 30.42
C GLN B 163 -10.32 6.17 30.08
N GLN B 164 -11.23 7.07 29.70
CA GLN B 164 -12.56 6.73 29.20
C GLN B 164 -12.87 7.49 27.91
N GLN B 165 -13.68 6.91 27.01
CA GLN B 165 -14.07 7.68 25.82
C GLN B 165 -15.13 8.77 26.04
N PRO B 166 -14.78 10.00 25.63
CA PRO B 166 -15.70 11.12 25.71
C PRO B 166 -16.84 10.95 24.70
N LYS B 167 -18.03 11.38 25.07
CA LYS B 167 -19.27 11.14 24.32
C LYS B 167 -19.48 12.18 23.22
N ARG B 168 -18.98 13.39 23.45
CA ARG B 168 -19.32 14.56 22.64
C ARG B 168 -18.11 15.47 22.53
N VAL B 169 -17.37 15.31 21.44
CA VAL B 169 -16.06 15.97 21.27
C VAL B 169 -16.17 17.14 20.29
N ALA B 170 -15.57 18.27 20.67
CA ALA B 170 -15.25 19.35 19.73
C ALA B 170 -13.72 19.37 19.51
N ILE B 171 -13.31 19.37 18.25
CA ILE B 171 -11.88 19.43 17.93
C ILE B 171 -11.65 20.78 17.29
N ILE B 172 -10.63 21.48 17.75
CA ILE B 172 -10.35 22.84 17.25
C ILE B 172 -9.06 22.77 16.45
N GLY B 173 -9.19 22.90 15.14
CA GLY B 173 -8.04 22.73 14.25
C GLY B 173 -8.25 21.52 13.36
N ALA B 174 -8.00 21.72 12.08
CA ALA B 174 -8.12 20.67 11.11
C ALA B 174 -6.84 20.44 10.31
N GLY B 175 -5.68 20.48 10.97
CA GLY B 175 -4.43 19.88 10.45
C GLY B 175 -4.43 18.37 10.74
N TYR B 176 -3.27 17.71 10.64
CA TYR B 176 -3.14 16.25 10.82
C TYR B 176 -3.89 15.74 12.04
N ILE B 177 -3.49 16.21 13.22
CA ILE B 177 -4.01 15.59 14.44
C ILE B 177 -5.50 15.86 14.66
N GLY B 178 -5.97 17.07 14.32
CA GLY B 178 -7.40 17.37 14.43
C GLY B 178 -8.24 16.35 13.66
N ILE B 179 -7.88 16.16 12.40
CA ILE B 179 -8.50 15.22 11.50
C ILE B 179 -8.34 13.78 11.95
N GLU B 180 -7.12 13.40 12.33
CA GLU B 180 -6.89 12.04 12.78
C GLU B 180 -7.74 11.71 14.01
N LEU B 181 -7.74 12.60 14.98
CA LEU B 181 -8.47 12.36 16.21
C LEU B 181 -9.97 12.33 15.96
N ALA B 182 -10.45 13.22 15.08
CA ALA B 182 -11.87 13.26 14.69
C ALA B 182 -12.32 11.91 14.15
N GLY B 183 -11.50 11.33 13.26
CA GLY B 183 -11.80 10.07 12.61
C GLY B 183 -11.84 8.92 13.61
N LEU B 184 -10.83 8.85 14.48
CA LEU B 184 -10.74 7.84 15.56
C LEU B 184 -12.00 7.86 16.42
N LEU B 185 -12.28 9.04 16.99
CA LEU B 185 -13.39 9.22 17.91
C LEU B 185 -14.78 8.96 17.30
N ARG B 186 -14.99 9.42 16.07
CA ARG B 186 -16.29 9.21 15.42
C ARG B 186 -16.45 7.73 15.04
N SER B 187 -15.35 7.13 14.62
CA SER B 187 -15.35 5.70 14.34
C SER B 187 -15.70 4.87 15.61
N PHE B 188 -15.29 5.36 16.78
CA PHE B 188 -15.67 4.73 18.06
C PHE B 188 -17.08 5.15 18.53
N GLY B 189 -17.75 5.95 17.71
CA GLY B 189 -19.15 6.30 17.95
C GLY B 189 -19.37 7.51 18.83
N SER B 190 -18.32 8.30 19.02
CA SER B 190 -18.46 9.59 19.70
C SER B 190 -19.10 10.58 18.77
N GLU B 191 -19.87 11.52 19.32
CA GLU B 191 -20.24 12.71 18.58
C GLU B 191 -19.01 13.61 18.39
N VAL B 192 -18.78 14.03 17.16
CA VAL B 192 -17.57 14.77 16.82
C VAL B 192 -17.89 15.95 15.92
N THR B 193 -17.44 17.11 16.37
CA THR B 193 -17.54 18.35 15.65
C THR B 193 -16.11 18.85 15.51
N VAL B 194 -15.74 19.28 14.31
CA VAL B 194 -14.45 19.95 14.18
C VAL B 194 -14.63 21.33 13.65
N VAL B 195 -13.88 22.27 14.21
CA VAL B 195 -13.87 23.64 13.72
C VAL B 195 -12.47 23.98 13.25
N ALA B 196 -12.40 24.90 12.29
CA ALA B 196 -11.15 25.30 11.67
C ALA B 196 -11.28 26.72 11.16
N LEU B 197 -10.21 27.49 11.33
CA LEU B 197 -10.09 28.87 10.85
C LEU B 197 -10.22 28.99 9.33
N GLU B 198 -9.73 27.97 8.62
CA GLU B 198 -9.60 27.99 7.15
C GLU B 198 -10.90 27.58 6.44
N ASP B 199 -10.97 27.80 5.13
CA ASP B 199 -12.19 27.51 4.35
C ASP B 199 -12.32 26.04 3.95
N ARG B 200 -11.35 25.22 4.35
CA ARG B 200 -11.37 23.78 4.06
C ARG B 200 -10.46 23.03 5.05
N LEU B 201 -10.75 21.75 5.24
CA LEU B 201 -9.99 20.90 6.15
C LEU B 201 -8.61 20.60 5.54
N LEU B 202 -7.59 20.36 6.36
CA LEU B 202 -6.25 20.04 5.83
C LEU B 202 -5.80 21.05 4.75
N PHE B 203 -5.79 22.32 5.15
CA PHE B 203 -5.46 23.43 4.26
C PHE B 203 -4.11 23.30 3.54
N GLN B 204 -3.15 22.62 4.17
CA GLN B 204 -1.79 22.47 3.62
C GLN B 204 -1.71 21.41 2.52
N PHE B 205 -2.77 20.62 2.41
CA PHE B 205 -2.86 19.55 1.45
C PHE B 205 -3.56 19.99 0.16
N ASP B 206 -3.43 19.17 -0.87
CA ASP B 206 -4.11 19.45 -2.11
C ASP B 206 -5.63 19.53 -1.90
N PRO B 207 -6.28 20.52 -2.54
CA PRO B 207 -7.74 20.72 -2.46
C PRO B 207 -8.60 19.49 -2.84
N LEU B 208 -8.12 18.61 -3.71
CA LEU B 208 -8.87 17.36 -3.95
C LEU B 208 -8.93 16.47 -2.71
N LEU B 209 -7.83 16.42 -1.96
CA LEU B 209 -7.79 15.66 -0.70
C LEU B 209 -8.66 16.30 0.37
N SER B 210 -8.54 17.62 0.53
CA SER B 210 -9.44 18.37 1.43
C SER B 210 -10.92 18.10 1.15
N ALA B 211 -11.30 18.10 -0.14
CA ALA B 211 -12.71 18.00 -0.55
C ALA B 211 -13.21 16.60 -0.32
N THR B 212 -12.40 15.61 -0.70
CA THR B 212 -12.82 14.23 -0.53
C THR B 212 -12.85 13.84 0.95
N LEU B 213 -11.88 14.33 1.72
CA LEU B 213 -11.86 14.13 3.16
C LEU B 213 -13.13 14.70 3.80
N ALA B 214 -13.47 15.91 3.40
CA ALA B 214 -14.70 16.57 3.88
C ALA B 214 -15.95 15.73 3.59
N GLU B 215 -16.00 15.16 2.39
CA GLU B 215 -17.10 14.27 2.00
C GLU B 215 -17.15 13.02 2.86
N ASN B 216 -16.02 12.35 3.02
CA ASN B 216 -15.94 11.16 3.84
C ASN B 216 -16.34 11.45 5.28
N MET B 217 -15.83 12.54 5.84
CA MET B 217 -16.14 12.89 7.23
C MET B 217 -17.63 13.24 7.41
N HIS B 218 -18.21 13.96 6.45
CA HIS B 218 -19.64 14.26 6.50
C HIS B 218 -20.48 12.99 6.48
N ALA B 219 -20.11 12.04 5.62
CA ALA B 219 -20.82 10.77 5.54
C ALA B 219 -20.64 9.96 6.83
N GLN B 220 -19.52 10.15 7.51
CA GLN B 220 -19.29 9.50 8.81
C GLN B 220 -20.14 10.12 9.94
N GLY B 221 -20.72 11.28 9.67
CA GLY B 221 -21.55 11.96 10.65
C GLY B 221 -20.77 12.91 11.52
N ILE B 222 -19.57 13.26 11.09
CA ILE B 222 -18.78 14.29 11.78
C ILE B 222 -19.32 15.63 11.32
N GLU B 223 -19.55 16.53 12.28
CA GLU B 223 -20.01 17.87 12.01
C GLU B 223 -18.83 18.81 11.89
N THR B 224 -18.82 19.65 10.86
CA THR B 224 -17.70 20.56 10.64
C THR B 224 -18.17 22.01 10.55
N HIS B 225 -17.33 22.90 11.05
CA HIS B 225 -17.53 24.34 10.93
C HIS B 225 -16.24 24.97 10.41
N LEU B 226 -16.32 25.49 9.18
CA LEU B 226 -15.18 26.12 8.51
C LEU B 226 -15.20 27.65 8.70
N GLU B 227 -14.03 28.28 8.51
CA GLU B 227 -13.86 29.71 8.83
C GLU B 227 -14.49 30.05 10.18
N PHE B 228 -14.17 29.23 11.19
CA PHE B 228 -14.70 29.35 12.54
C PHE B 228 -13.53 29.62 13.44
N ALA B 229 -13.48 30.85 13.94
CA ALA B 229 -12.42 31.30 14.84
C ALA B 229 -12.93 31.25 16.27
N VAL B 230 -12.26 30.46 17.11
CA VAL B 230 -12.62 30.38 18.51
C VAL B 230 -12.15 31.63 19.27
N ALA B 231 -13.09 32.23 19.99
CA ALA B 231 -12.83 33.42 20.79
C ALA B 231 -12.62 33.06 22.26
N ALA B 232 -13.35 32.05 22.74
CA ALA B 232 -13.29 31.62 24.13
C ALA B 232 -13.95 30.25 24.34
N LEU B 233 -13.62 29.57 25.44
CA LEU B 233 -14.40 28.41 25.90
C LEU B 233 -15.12 28.75 27.22
N GLU B 234 -16.34 28.27 27.37
CA GLU B 234 -17.12 28.53 28.58
C GLU B 234 -17.86 27.28 29.04
N ARG B 235 -17.99 27.10 30.36
CA ARG B 235 -18.74 25.98 30.90
C ARG B 235 -20.24 26.21 30.72
N ASP B 236 -20.94 25.20 30.22
CA ASP B 236 -22.39 25.15 30.25
C ASP B 236 -22.80 24.01 31.17
N ALA B 237 -24.10 23.80 31.32
CA ALA B 237 -24.59 22.60 32.00
C ALA B 237 -24.29 21.38 31.11
N GLN B 238 -23.51 20.44 31.65
CA GLN B 238 -23.09 19.20 30.95
C GLN B 238 -21.90 19.28 29.96
N GLY B 239 -21.17 20.39 29.94
CA GLY B 239 -19.94 20.48 29.15
C GLY B 239 -19.40 21.88 28.96
N THR B 240 -18.57 22.07 27.92
CA THR B 240 -18.09 23.41 27.54
C THR B 240 -18.52 23.78 26.11
N THR B 241 -18.63 25.07 25.80
CA THR B 241 -19.44 25.49 24.62
C THR B 241 -18.77 25.80 23.28
N LEU B 242 -17.67 26.55 23.31
CA LEU B 242 -17.04 27.10 22.10
C LEU B 242 -17.79 28.33 21.58
N VAL B 243 -17.19 29.49 21.81
CA VAL B 243 -17.75 30.76 21.37
C VAL B 243 -16.85 31.27 20.25
N ALA B 244 -17.43 31.52 19.09
CA ALA B 244 -16.69 32.05 17.96
C ALA B 244 -16.51 33.57 18.08
N GLN B 245 -15.55 34.10 17.31
CA GLN B 245 -15.38 35.53 17.09
C GLN B 245 -16.75 36.24 16.94
N ASP B 246 -17.59 35.71 16.05
CA ASP B 246 -18.90 36.32 15.75
C ASP B 246 -20.03 36.00 16.76
N GLY B 247 -19.70 35.28 17.84
CA GLY B 247 -20.66 35.02 18.90
C GLY B 247 -21.37 33.67 18.85
N THR B 248 -21.23 32.96 17.73
CA THR B 248 -21.77 31.60 17.58
C THR B 248 -21.32 30.72 18.75
N ARG B 249 -22.28 30.06 19.39
CA ARG B 249 -21.98 29.11 20.46
C ARG B 249 -22.28 27.71 19.96
N LEU B 250 -21.33 26.80 20.20
CA LEU B 250 -21.57 25.40 19.82
C LEU B 250 -22.23 24.55 20.94
N GLU B 251 -21.55 24.41 22.08
CA GLU B 251 -22.20 23.94 23.34
C GLU B 251 -22.36 22.43 23.61
N GLY B 252 -22.03 22.05 24.84
CA GLY B 252 -22.37 20.73 25.39
C GLY B 252 -21.31 19.64 25.35
N PHE B 253 -20.08 20.00 24.99
CA PHE B 253 -19.00 19.02 24.75
C PHE B 253 -18.30 18.59 26.04
N ASP B 254 -18.32 17.30 26.34
CA ASP B 254 -17.60 16.82 27.52
C ASP B 254 -16.08 16.75 27.31
N SER B 255 -15.63 17.06 26.10
CA SER B 255 -14.21 17.11 25.76
C SER B 255 -13.99 18.06 24.59
N VAL B 256 -13.16 19.07 24.80
CA VAL B 256 -12.75 19.97 23.73
C VAL B 256 -11.24 19.84 23.56
N ILE B 257 -10.82 19.45 22.37
CA ILE B 257 -9.41 19.21 22.08
C ILE B 257 -8.83 20.31 21.19
N TRP B 258 -7.85 21.04 21.73
CA TRP B 258 -7.05 21.99 20.96
C TRP B 258 -6.11 21.23 20.05
N ALA B 259 -6.19 21.50 18.75
CA ALA B 259 -5.38 20.80 17.75
C ALA B 259 -4.91 21.83 16.72
N VAL B 260 -4.21 22.82 17.25
CA VAL B 260 -4.00 24.08 16.61
C VAL B 260 -2.51 24.35 16.34
N GLY B 261 -1.69 23.29 16.42
CA GLY B 261 -0.27 23.35 16.13
C GLY B 261 0.62 23.00 17.33
N ARG B 262 1.92 22.95 17.09
CA ARG B 262 2.90 22.64 18.13
C ARG B 262 3.95 23.74 18.18
N ALA B 263 4.33 24.14 19.40
CA ALA B 263 5.41 25.10 19.65
C ALA B 263 6.72 24.37 20.00
N PRO B 264 7.86 24.91 19.56
CA PRO B 264 9.16 24.27 19.83
C PRO B 264 9.64 24.49 21.27
N ASN B 265 10.16 23.42 21.87
CA ASN B 265 10.72 23.44 23.23
C ASN B 265 12.09 24.08 23.27
N THR B 266 12.13 25.38 23.07
CA THR B 266 13.38 26.13 22.99
C THR B 266 13.32 27.40 23.89
N ARG B 267 12.30 27.47 24.75
CA ARG B 267 12.01 28.64 25.61
C ARG B 267 13.08 28.99 26.66
N ASP B 268 13.51 28.00 27.44
CA ASP B 268 14.69 28.23 28.29
C ASP B 268 15.65 27.07 28.18
N LEU B 269 16.44 27.19 27.13
CA LEU B 269 17.36 26.15 26.71
C LEU B 269 18.73 26.80 26.78
N GLY B 270 18.73 28.03 27.27
CA GLY B 270 19.92 28.85 27.32
C GLY B 270 20.48 29.18 25.96
N LEU B 271 19.64 29.26 24.93
CA LEU B 271 20.10 29.60 23.58
C LEU B 271 20.81 30.96 23.56
N GLU B 272 20.30 31.91 24.37
CA GLU B 272 20.91 33.25 24.50
C GLU B 272 22.33 33.14 25.05
N ALA B 273 22.49 32.39 26.14
CA ALA B 273 23.80 32.14 26.75
C ALA B 273 24.85 31.58 25.76
N ALA B 274 24.41 30.69 24.87
CA ALA B 274 25.31 30.12 23.88
C ALA B 274 25.43 30.93 22.59
N GLY B 275 24.61 31.97 22.42
CA GLY B 275 24.71 32.86 21.24
C GLY B 275 24.09 32.23 19.99
N ILE B 276 23.18 31.29 20.20
CA ILE B 276 22.50 30.55 19.14
C ILE B 276 21.30 31.33 18.63
N GLU B 277 21.25 31.54 17.32
CA GLU B 277 20.16 32.26 16.68
C GLU B 277 18.84 31.48 16.83
N VAL B 278 17.79 32.19 17.23
CA VAL B 278 16.46 31.62 17.35
C VAL B 278 15.42 32.64 16.89
N GLN B 279 14.36 32.15 16.23
CA GLN B 279 13.27 32.98 15.73
C GLN B 279 12.24 33.29 16.82
N SER B 280 11.41 34.31 16.59
CA SER B 280 10.41 34.73 17.58
C SER B 280 9.43 33.61 17.85
N ASN B 281 9.21 32.76 16.84
CA ASN B 281 8.37 31.60 17.02
C ASN B 281 9.08 30.40 17.70
N GLY B 282 10.32 30.60 18.14
CA GLY B 282 11.10 29.57 18.81
C GLY B 282 11.81 28.55 17.93
N MET B 283 11.62 28.65 16.60
CA MET B 283 12.33 27.75 15.70
C MET B 283 13.82 28.14 15.65
N VAL B 284 14.70 27.15 15.59
CA VAL B 284 16.14 27.40 15.49
C VAL B 284 16.56 27.31 14.00
N PRO B 285 16.93 28.44 13.37
CA PRO B 285 17.37 28.37 11.95
C PRO B 285 18.59 27.44 11.80
N THR B 286 18.70 26.76 10.65
CA THR B 286 19.87 25.93 10.38
C THR B 286 20.16 26.03 8.92
N ASP B 287 21.38 25.69 8.54
CA ASP B 287 21.71 25.51 7.14
C ASP B 287 21.25 24.11 6.64
N ALA B 288 21.58 23.72 5.39
CA ALA B 288 21.17 22.41 4.85
C ALA B 288 21.75 21.22 5.63
N TYR B 289 22.79 21.50 6.42
CA TYR B 289 23.55 20.48 7.15
C TYR B 289 23.29 20.47 8.65
N GLN B 290 22.15 21.05 9.05
CA GLN B 290 21.69 21.18 10.43
C GLN B 290 22.54 22.07 11.30
N ASN B 291 23.47 22.83 10.71
CA ASN B 291 24.35 23.70 11.51
C ASN B 291 23.56 24.92 11.96
N THR B 292 23.67 25.26 13.24
CA THR B 292 23.30 26.59 13.70
C THR B 292 24.37 27.65 13.28
N ASN B 293 24.21 28.87 13.78
CA ASN B 293 25.22 29.93 13.57
C ASN B 293 26.44 29.77 14.46
N VAL B 294 26.38 28.82 15.38
CA VAL B 294 27.48 28.61 16.30
C VAL B 294 28.16 27.30 15.95
N PRO B 295 29.48 27.35 15.67
CA PRO B 295 30.18 26.11 15.28
C PRO B 295 30.10 25.05 16.38
N GLY B 296 29.92 23.79 16.00
CA GLY B 296 29.75 22.71 16.98
C GLY B 296 28.35 22.61 17.58
N VAL B 297 27.43 23.44 17.10
CA VAL B 297 26.03 23.38 17.58
C VAL B 297 25.10 23.19 16.39
N TYR B 298 24.23 22.18 16.53
CA TYR B 298 23.36 21.75 15.45
C TYR B 298 22.00 21.65 16.03
N ALA B 299 21.03 21.69 15.14
CA ALA B 299 19.65 21.47 15.54
C ALA B 299 18.98 20.55 14.54
N LEU B 300 18.18 19.63 15.05
CA LEU B 300 17.30 18.90 14.16
C LEU B 300 15.93 18.59 14.73
N GLY B 301 15.11 17.98 13.86
CA GLY B 301 13.79 17.59 14.22
C GLY B 301 12.87 18.78 14.19
N ASP B 302 11.85 18.71 15.04
CA ASP B 302 10.74 19.64 14.99
C ASP B 302 11.10 21.12 15.19
N ILE B 303 12.13 21.40 15.99
CA ILE B 303 12.50 22.77 16.35
C ILE B 303 13.17 23.53 15.20
N THR B 304 13.46 22.83 14.10
CA THR B 304 14.09 23.45 12.95
C THR B 304 13.07 24.05 12.01
N GLY B 305 11.79 23.77 12.25
CA GLY B 305 10.71 24.42 11.50
C GLY B 305 10.43 23.78 10.16
N ARG B 306 11.12 22.68 9.86
CA ARG B 306 10.91 21.92 8.59
C ARG B 306 9.91 20.78 8.86
N ASP B 307 9.67 19.92 7.88
CA ASP B 307 8.70 18.84 7.98
C ASP B 307 8.65 18.21 9.38
N GLN B 308 7.54 18.40 10.09
CA GLN B 308 7.41 17.98 11.49
C GLN B 308 7.07 16.50 11.59
N LEU B 309 8.02 15.65 11.21
CA LEU B 309 7.80 14.20 11.13
C LEU B 309 8.97 13.47 11.70
N THR B 310 8.69 12.29 12.26
CA THR B 310 9.67 11.46 12.88
C THR B 310 10.77 11.01 11.90
N PRO B 311 10.39 10.44 10.73
CA PRO B 311 11.48 9.95 9.86
C PRO B 311 12.35 11.07 9.30
N VAL B 312 11.84 12.31 9.31
CA VAL B 312 12.64 13.49 8.92
C VAL B 312 13.69 13.79 10.01
N ALA B 313 13.25 13.78 11.27
CA ALA B 313 14.13 13.92 12.43
C ALA B 313 15.19 12.83 12.41
N ILE B 314 14.75 11.59 12.16
CA ILE B 314 15.68 10.43 12.11
C ILE B 314 16.70 10.52 10.98
N ALA B 315 16.24 10.73 9.75
CA ALA B 315 17.18 10.80 8.63
C ALA B 315 18.16 11.97 8.80
N ALA B 316 17.63 13.13 9.22
CA ALA B 316 18.46 14.33 9.48
C ALA B 316 19.53 14.03 10.53
N GLY B 317 19.14 13.31 11.59
CA GLY B 317 20.07 12.87 12.64
C GLY B 317 21.12 11.89 12.15
N ARG B 318 20.69 10.84 11.43
CA ARG B 318 21.63 9.83 10.94
C ARG B 318 22.64 10.44 10.00
N ARG B 319 22.18 11.29 9.09
CA ARG B 319 23.05 11.96 8.11
C ARG B 319 24.04 12.92 8.73
N LEU B 320 23.60 13.61 9.79
CA LEU B 320 24.47 14.49 10.55
C LEU B 320 25.62 13.73 11.18
N ALA B 321 25.31 12.57 11.78
CA ALA B 321 26.33 11.76 12.45
C ALA B 321 27.31 11.20 11.44
N GLU B 322 26.82 10.87 10.24
CA GLU B 322 27.67 10.42 9.14
C GLU B 322 28.62 11.53 8.75
N ARG B 323 28.06 12.73 8.63
CA ARG B 323 28.86 13.89 8.33
C ARG B 323 29.94 14.20 9.38
N LEU B 324 29.56 14.28 10.65
CA LEU B 324 30.49 14.73 11.69
C LEU B 324 31.50 13.65 12.08
N PHE B 325 31.06 12.39 12.05
CA PHE B 325 31.81 11.30 12.68
C PHE B 325 32.30 10.22 11.75
N ASP B 326 31.87 10.28 10.48
CA ASP B 326 32.29 9.29 9.50
C ASP B 326 32.80 9.93 8.19
N GLY B 327 33.26 11.18 8.30
CA GLY B 327 33.94 11.87 7.21
C GLY B 327 33.13 12.11 5.94
N GLN B 328 31.82 11.99 6.03
CA GLN B 328 30.96 12.18 4.88
C GLN B 328 30.53 13.66 4.85
N SER B 329 31.44 14.50 4.40
CA SER B 329 31.34 15.96 4.56
C SER B 329 30.19 16.62 3.79
N GLU B 330 29.71 15.94 2.73
CA GLU B 330 28.62 16.48 1.92
C GLU B 330 27.24 15.98 2.37
N ARG B 331 27.21 15.13 3.40
CA ARG B 331 26.02 14.37 3.76
C ARG B 331 24.96 15.26 4.42
N LYS B 332 23.76 15.23 3.87
CA LYS B 332 22.64 16.02 4.35
C LYS B 332 21.33 15.39 3.91
N LEU B 333 20.24 15.78 4.56
CA LEU B 333 18.91 15.34 4.15
C LEU B 333 18.35 16.26 3.07
N ASP B 334 17.76 15.65 2.05
CA ASP B 334 16.99 16.36 1.05
C ASP B 334 15.59 16.51 1.67
N TYR B 335 15.13 17.74 1.81
CA TYR B 335 13.81 18.04 2.37
C TYR B 335 12.70 18.20 1.31
N ASP B 336 13.02 17.93 0.04
CA ASP B 336 12.00 17.86 -1.01
C ASP B 336 11.40 16.46 -1.08
N ASN B 337 10.10 16.39 -1.33
CA ASN B 337 9.47 15.13 -1.71
C ASN B 337 9.51 14.12 -0.60
N ILE B 338 9.33 14.64 0.62
CA ILE B 338 9.16 13.81 1.78
C ILE B 338 7.71 13.31 1.81
N PRO B 339 7.53 11.99 1.81
CA PRO B 339 6.18 11.46 1.80
C PRO B 339 5.55 11.51 3.19
N THR B 340 4.23 11.62 3.22
CA THR B 340 3.52 11.57 4.48
C THR B 340 2.15 10.86 4.35
N VAL B 341 1.64 10.33 5.47
CA VAL B 341 0.27 9.86 5.58
C VAL B 341 -0.48 10.65 6.66
N VAL B 342 -1.73 11.01 6.38
CA VAL B 342 -2.66 11.47 7.41
C VAL B 342 -3.62 10.32 7.66
N PHE B 343 -3.65 9.86 8.91
CA PHE B 343 -4.39 8.66 9.26
C PHE B 343 -5.88 8.96 9.60
N ALA B 344 -6.58 9.58 8.64
CA ALA B 344 -8.06 9.72 8.65
C ALA B 344 -8.63 8.35 8.37
N HIS B 345 -9.95 8.25 8.29
CA HIS B 345 -10.64 7.01 8.00
C HIS B 345 -11.51 7.25 6.78
N PRO B 346 -11.08 6.80 5.58
CA PRO B 346 -9.82 6.13 5.19
C PRO B 346 -8.66 7.12 5.11
N PRO B 347 -7.43 6.62 5.09
CA PRO B 347 -6.30 7.52 5.20
C PRO B 347 -6.03 8.25 3.89
N LEU B 348 -5.18 9.27 3.99
CA LEU B 348 -4.66 9.95 2.83
C LEU B 348 -3.15 9.99 2.89
N SER B 349 -2.54 10.22 1.74
CA SER B 349 -1.11 10.24 1.66
C SER B 349 -0.70 11.14 0.50
N LYS B 350 0.49 11.72 0.59
CA LYS B 350 1.02 12.51 -0.51
C LYS B 350 2.55 12.52 -0.45
N VAL B 351 3.14 12.82 -1.59
CA VAL B 351 4.55 13.11 -1.68
C VAL B 351 4.66 14.20 -2.76
N GLY B 352 5.44 15.22 -2.46
CA GLY B 352 5.66 16.32 -3.39
C GLY B 352 4.65 17.41 -3.21
N LEU B 353 4.39 18.11 -4.31
CA LEU B 353 3.62 19.35 -4.30
C LEU B 353 2.13 19.17 -4.58
N SER B 354 1.29 19.88 -3.82
CA SER B 354 -0.11 20.05 -4.17
C SER B 354 -0.20 20.90 -5.43
N GLU B 355 -1.36 20.90 -6.07
CA GLU B 355 -1.50 21.65 -7.31
C GLU B 355 -1.21 23.13 -7.07
N PRO B 356 -1.84 23.74 -6.02
CA PRO B 356 -1.55 25.17 -5.83
C PRO B 356 -0.09 25.45 -5.46
N GLU B 357 0.55 24.54 -4.74
CA GLU B 357 1.98 24.74 -4.40
C GLU B 357 2.79 24.68 -5.68
N ALA B 358 2.47 23.71 -6.53
CA ALA B 358 3.21 23.51 -7.77
C ALA B 358 3.08 24.75 -8.67
N ARG B 359 1.88 25.35 -8.70
CA ARG B 359 1.63 26.58 -9.44
C ARG B 359 2.44 27.74 -8.86
N GLU B 360 2.53 27.80 -7.54
CA GLU B 360 3.26 28.85 -6.86
C GLU B 360 4.77 28.77 -7.20
N ARG B 361 5.35 27.57 -7.12
CA ARG B 361 6.80 27.41 -7.31
C ARG B 361 7.26 27.32 -8.76
N LEU B 362 6.40 26.73 -9.59
CA LEU B 362 6.63 26.54 -11.02
C LEU B 362 5.61 27.42 -11.79
N GLY B 363 5.71 27.52 -13.10
CA GLY B 363 4.71 28.39 -13.81
C GLY B 363 3.32 27.74 -13.93
N ASP B 364 2.49 28.18 -14.89
CA ASP B 364 1.54 27.20 -15.45
C ASP B 364 2.32 26.41 -16.48
N VAL B 365 2.90 25.34 -15.96
CA VAL B 365 3.60 24.35 -16.72
C VAL B 365 2.95 23.02 -16.31
N LEU B 366 1.77 23.11 -15.71
CA LEU B 366 1.15 21.97 -15.00
C LEU B 366 0.16 21.19 -15.85
N THR B 367 0.40 19.88 -15.93
CA THR B 367 -0.58 18.92 -16.45
C THR B 367 -1.05 18.09 -15.26
N VAL B 368 -2.34 18.20 -14.97
CA VAL B 368 -2.90 17.61 -13.77
C VAL B 368 -3.85 16.49 -14.16
N TYR B 369 -3.64 15.32 -13.56
CA TYR B 369 -4.47 14.15 -13.81
C TYR B 369 -5.13 13.82 -12.51
N GLU B 370 -6.39 13.42 -12.54
CA GLU B 370 -7.03 12.97 -11.32
C GLU B 370 -8.12 11.95 -11.60
N THR B 371 -8.50 11.21 -10.57
CA THR B 371 -9.57 10.26 -10.65
C THR B 371 -10.23 10.09 -9.29
N SER B 372 -11.49 9.66 -9.31
CA SER B 372 -12.23 9.29 -8.12
C SER B 372 -12.96 8.00 -8.42
N PHE B 373 -13.05 7.11 -7.43
CA PHE B 373 -13.70 5.80 -7.60
C PHE B 373 -13.96 5.14 -6.26
N THR B 374 -14.78 4.10 -6.27
CA THR B 374 -15.07 3.35 -5.05
C THR B 374 -14.27 2.10 -5.18
N PRO B 375 -13.34 1.87 -4.22
CA PRO B 375 -12.53 0.68 -4.35
C PRO B 375 -13.38 -0.58 -4.07
N MET B 376 -12.84 -1.71 -4.54
CA MET B 376 -13.48 -3.00 -4.38
C MET B 376 -13.64 -3.38 -2.92
N ARG B 377 -12.87 -2.75 -2.03
CA ARG B 377 -13.04 -2.91 -0.62
C ARG B 377 -14.52 -2.68 -0.19
N TYR B 378 -15.20 -1.78 -0.88
CA TYR B 378 -16.61 -1.47 -0.55
C TYR B 378 -17.62 -2.02 -1.57
N ALA B 379 -17.19 -2.97 -2.41
CA ALA B 379 -18.05 -3.62 -3.42
C ALA B 379 -19.41 -4.07 -2.88
N LEU B 380 -19.41 -4.73 -1.72
CA LEU B 380 -20.64 -5.26 -1.16
C LEU B 380 -21.20 -4.44 0.01
N ASN B 381 -20.72 -3.21 0.16
CA ASN B 381 -21.29 -2.25 1.11
C ASN B 381 -22.11 -1.19 0.37
N GLU B 382 -23.02 -0.52 1.08
CA GLU B 382 -23.91 0.45 0.47
C GLU B 382 -23.23 1.75 0.08
N HIS B 383 -22.58 2.43 1.02
CA HIS B 383 -22.02 3.76 0.71
C HIS B 383 -20.57 3.92 1.15
N GLY B 384 -19.67 3.13 0.58
CA GLY B 384 -18.25 3.23 0.97
C GLY B 384 -17.69 4.58 0.55
N PRO B 385 -16.63 5.05 1.23
CA PRO B 385 -15.97 6.28 0.80
C PRO B 385 -15.30 6.11 -0.57
N LYS B 386 -15.34 7.14 -1.42
CA LYS B 386 -14.72 7.08 -2.75
C LYS B 386 -13.24 7.47 -2.57
N THR B 387 -12.34 6.76 -3.24
CA THR B 387 -10.94 7.12 -3.25
C THR B 387 -10.80 8.29 -4.23
N ALA B 388 -9.89 9.21 -3.98
CA ALA B 388 -9.55 10.24 -4.97
C ALA B 388 -8.05 10.34 -5.10
N MET B 389 -7.57 10.56 -6.31
CA MET B 389 -6.16 10.62 -6.62
C MET B 389 -5.87 11.79 -7.55
N LYS B 390 -4.73 12.44 -7.33
CA LYS B 390 -4.25 13.46 -8.26
C LYS B 390 -2.76 13.25 -8.53
N LEU B 391 -2.40 13.33 -9.81
CA LEU B 391 -1.02 13.42 -10.29
C LEU B 391 -0.73 14.83 -10.79
N VAL B 392 0.18 15.52 -10.10
CA VAL B 392 0.60 16.86 -10.51
C VAL B 392 1.92 16.74 -11.27
N CYS B 393 1.86 17.08 -12.56
CA CYS B 393 3.00 16.93 -13.46
C CYS B 393 3.41 18.31 -13.97
N ALA B 394 4.69 18.47 -14.32
CA ALA B 394 5.24 19.76 -14.72
C ALA B 394 6.19 19.65 -15.90
N GLY B 395 6.15 20.69 -16.74
CA GLY B 395 6.99 20.77 -17.96
C GLY B 395 6.43 19.97 -19.11
N PRO B 396 7.03 20.12 -20.31
CA PRO B 396 6.66 19.32 -21.48
C PRO B 396 6.83 17.82 -21.29
N GLU B 397 7.80 17.43 -20.45
CA GLU B 397 8.09 16.01 -20.19
C GLU B 397 7.21 15.43 -19.08
N GLN B 398 6.32 16.25 -18.53
CA GLN B 398 5.39 15.86 -17.46
C GLN B 398 6.07 15.09 -16.30
N ARG B 399 7.12 15.70 -15.76
CA ARG B 399 7.76 15.20 -14.55
C ARG B 399 6.73 15.24 -13.43
N VAL B 400 6.64 14.14 -12.68
CA VAL B 400 5.67 14.05 -11.60
C VAL B 400 6.19 14.87 -10.41
N VAL B 401 5.49 15.94 -10.06
CA VAL B 401 5.94 16.81 -8.97
C VAL B 401 5.09 16.66 -7.68
N GLY B 402 3.91 16.03 -7.81
CA GLY B 402 3.05 15.71 -6.66
C GLY B 402 2.19 14.49 -6.92
N VAL B 403 2.13 13.58 -5.95
CA VAL B 403 1.15 12.49 -5.94
C VAL B 403 0.33 12.50 -4.64
N HIS B 404 -0.99 12.45 -4.82
CA HIS B 404 -1.98 12.68 -3.77
C HIS B 404 -3.02 11.59 -3.82
N VAL B 405 -3.30 10.97 -2.68
CA VAL B 405 -4.30 9.89 -2.62
C VAL B 405 -5.03 9.90 -1.29
N ILE B 406 -6.34 9.71 -1.35
CA ILE B 406 -7.11 9.46 -0.16
C ILE B 406 -8.07 8.29 -0.44
N GLY B 407 -8.10 7.33 0.47
CA GLY B 407 -8.96 6.21 0.33
C GLY B 407 -8.32 4.97 0.86
N ASP B 408 -9.04 3.86 0.78
CA ASP B 408 -8.57 2.58 1.28
C ASP B 408 -7.15 2.16 0.77
N GLY B 409 -6.27 1.74 1.69
CA GLY B 409 -4.92 1.33 1.33
C GLY B 409 -3.93 2.47 1.14
N ALA B 410 -4.41 3.72 1.22
CA ALA B 410 -3.50 4.86 0.96
C ALA B 410 -2.31 4.94 1.93
N ASP B 411 -2.44 4.33 3.11
CA ASP B 411 -1.39 4.36 4.14
C ASP B 411 -0.13 3.53 3.81
N GLU B 412 -0.25 2.60 2.85
CA GLU B 412 0.87 1.77 2.43
C GLU B 412 1.24 1.93 0.94
N MET B 413 0.59 2.88 0.27
CA MET B 413 0.63 2.99 -1.19
C MET B 413 1.82 3.77 -1.76
N LEU B 414 2.22 4.82 -1.07
CA LEU B 414 3.06 5.87 -1.69
C LEU B 414 4.56 5.83 -1.38
N GLN B 415 4.99 4.98 -0.45
CA GLN B 415 6.43 4.87 -0.14
C GLN B 415 7.28 4.60 -1.40
N GLY B 416 6.87 3.63 -2.22
CA GLY B 416 7.54 3.36 -3.52
C GLY B 416 7.42 4.48 -4.51
N PHE B 417 6.25 5.13 -4.58
CA PHE B 417 6.07 6.30 -5.44
C PHE B 417 6.98 7.47 -5.03
N ALA B 418 7.31 7.54 -3.73
CA ALA B 418 8.27 8.54 -3.24
C ALA B 418 9.69 8.27 -3.77
N VAL B 419 10.06 6.99 -3.89
CA VAL B 419 11.34 6.61 -4.49
C VAL B 419 11.40 7.08 -5.95
N ALA B 420 10.38 6.76 -6.73
CA ALA B 420 10.26 7.14 -8.12
C ALA B 420 10.28 8.66 -8.33
N VAL B 421 9.48 9.38 -7.54
CA VAL B 421 9.45 10.84 -7.55
C VAL B 421 10.83 11.46 -7.21
N LYS B 422 11.53 10.87 -6.25
CA LYS B 422 12.85 11.36 -5.91
C LYS B 422 13.84 11.09 -7.06
N MET B 423 13.51 10.13 -7.93
CA MET B 423 14.35 9.81 -9.10
C MET B 423 14.00 10.66 -10.29
N GLY B 424 12.96 11.47 -10.15
CA GLY B 424 12.54 12.38 -11.19
C GLY B 424 11.61 11.70 -12.16
N ALA B 425 10.83 10.74 -11.69
CA ALA B 425 9.84 10.08 -12.55
C ALA B 425 8.99 11.07 -13.36
N THR B 426 8.73 10.71 -14.60
CA THR B 426 7.76 11.43 -15.39
C THR B 426 6.46 10.61 -15.47
N LYS B 427 5.43 11.18 -16.10
CA LYS B 427 4.19 10.46 -16.41
C LYS B 427 4.54 9.21 -17.24
N ALA B 428 5.44 9.34 -18.21
CA ALA B 428 5.86 8.21 -19.02
C ALA B 428 6.37 7.06 -18.15
N ASP B 429 7.18 7.38 -17.13
CA ASP B 429 7.71 6.36 -16.23
C ASP B 429 6.56 5.65 -15.51
N PHE B 430 5.57 6.42 -15.06
CA PHE B 430 4.36 5.89 -14.45
C PHE B 430 3.57 4.99 -15.43
N ASP B 431 3.20 5.54 -16.58
CA ASP B 431 2.36 4.85 -17.58
C ASP B 431 3.03 3.61 -18.18
N ASN B 432 4.35 3.57 -18.21
CA ASN B 432 5.03 2.41 -18.74
C ASN B 432 5.20 1.30 -17.73
N THR B 433 4.82 1.59 -16.48
CA THR B 433 4.82 0.58 -15.43
C THR B 433 3.53 -0.20 -15.48
N VAL B 434 3.65 -1.51 -15.58
CA VAL B 434 2.47 -2.35 -15.59
C VAL B 434 1.73 -2.26 -14.26
N ALA B 435 0.41 -2.19 -14.38
CA ALA B 435 -0.51 -2.18 -13.28
C ALA B 435 -0.51 -3.51 -12.51
N ILE B 436 -0.69 -3.41 -11.21
CA ILE B 436 -1.15 -4.53 -10.39
C ILE B 436 -2.67 -4.55 -10.38
N HIS B 437 -3.28 -5.69 -10.69
CA HIS B 437 -4.74 -5.80 -10.68
C HIS B 437 -5.19 -7.02 -9.88
N PRO B 438 -6.31 -6.94 -9.11
CA PRO B 438 -7.07 -5.71 -8.81
C PRO B 438 -6.56 -5.01 -7.56
N GLY B 439 -6.51 -3.69 -7.63
CA GLY B 439 -6.30 -2.85 -6.45
C GLY B 439 -6.49 -1.38 -6.78
N SER B 440 -6.13 -0.53 -5.84
CA SER B 440 -6.27 0.91 -6.04
C SER B 440 -5.07 1.57 -6.65
N ALA B 441 -3.87 1.12 -6.24
CA ALA B 441 -2.63 1.72 -6.70
C ALA B 441 -2.50 1.74 -8.19
N GLU B 442 -3.05 0.72 -8.88
CA GLU B 442 -3.02 0.74 -10.36
C GLU B 442 -3.64 1.98 -11.00
N GLU B 443 -4.57 2.63 -10.31
CA GLU B 443 -5.17 3.84 -10.88
C GLU B 443 -4.18 4.98 -11.10
N LEU B 444 -3.16 5.04 -10.25
CA LEU B 444 -2.07 5.99 -10.40
C LEU B 444 -1.20 5.79 -11.65
N VAL B 445 -1.10 4.57 -12.14
CA VAL B 445 -0.32 4.32 -13.38
C VAL B 445 -1.17 4.17 -14.64
N THR B 446 -2.48 4.40 -14.50
CA THR B 446 -3.36 4.25 -15.66
C THR B 446 -4.24 5.49 -15.85
N LEU B 447 -3.78 6.62 -15.33
CA LEU B 447 -4.44 7.91 -15.59
C LEU B 447 -4.29 8.28 -17.09
N LYS B 448 -5.40 8.58 -17.74
CA LYS B 448 -5.39 8.77 -19.18
C LYS B 448 -5.47 10.25 -19.60
N GLU B 449 -6.63 10.88 -19.38
CA GLU B 449 -6.86 12.25 -19.82
C GLU B 449 -6.62 13.26 -18.70
N PRO B 450 -5.76 14.27 -18.93
CA PRO B 450 -5.56 15.26 -17.87
C PRO B 450 -6.80 16.14 -17.69
N VAL B 451 -7.06 16.57 -16.46
CA VAL B 451 -8.17 17.49 -16.17
C VAL B 451 -7.72 18.94 -16.46
N ARG B 452 -6.44 19.21 -16.22
CA ARG B 452 -5.85 20.51 -16.52
C ARG B 452 -4.50 20.39 -17.22
N ARG B 453 -4.21 21.37 -18.08
CA ARG B 453 -3.00 21.42 -18.88
C ARG B 453 -2.44 22.84 -18.74
N PRO B 454 -1.17 23.08 -19.17
CA PRO B 454 -0.65 24.44 -18.98
C PRO B 454 -1.55 25.45 -19.69
N GLY B 455 -1.93 26.50 -18.96
CA GLY B 455 -2.79 27.54 -19.48
C GLY B 455 -4.21 27.32 -19.02
#